data_1PTJ
#
_entry.id   1PTJ
#
_cell.length_a   72.089
_cell.length_b   74.698
_cell.length_c   205.014
_cell.angle_alpha   90.00
_cell.angle_beta   90.00
_cell.angle_gamma   90.00
#
_symmetry.space_group_name_H-M   'P 21 21 21'
#
loop_
_entity.id
_entity.type
_entity.pdbx_description
1 polymer 'NAD(P) transhydrogenase subunit alpha part 1'
2 polymer 'NAD(P) transhydrogenase subunit beta'
3 non-polymer THIONICOTINAMIDE-ADENINE-DINUCLEOTIDE
4 non-polymer GLYCEROL
5 non-polymer 'NADP NICOTINAMIDE-ADENINE-DINUCLEOTIDE PHOSPHATE'
6 water water
#
loop_
_entity_poly.entity_id
_entity_poly.type
_entity_poly.pdbx_seq_one_letter_code
_entity_poly.pdbx_strand_id
1 'polypeptide(L)'
;MKIAIPKERRPGEDRVAISPEVVKKLVGLGFEVIVEQGAGVGASITDDALTAAGATIASTAAQALSQADVVWKVQRPMTA
EEGTDEVALIKEGAVLMCHLGALTNRPVVEALTKRKITAYAMELMPRISRAQSMDILSSQSNLAGYRAVIDGAYEFARAF
PMMMTAAGTVPPARVLVFGVGVAGLQAIATAKRLGAVVMATDVRAATKEQVESLGGKFITVDDEAMKTAETAGGYAKEMG
EEFRKKQAEAVLKELVKTDIAITTALIPGKPAPVLITEEMVTKMKPGSVIIDLAVEAGGNCPLSEPGKIVVKHGVKIVGH
TNVPSRVAADASPLFAKNLLNFLTPHVDKDTKTLVMKLEDETVSGTCVTRDGAIVHPALTG
;
A,B
2 'polypeptide(L)'
;SVKAGSAEDAAFIMKNASKVIIVPGYGMAVAQAQHALREMADVLKKEGVEVSYAIHPVAGRMPGHMNVLLAEANVPYDEV
FELEEINSSFQTADVAFVIGANDVTNPAAKTDPSSPIYGMPILDVEKAGTVLFIKRSMASGYAGVENELFFRNNTMMLFG
DAKKMTEQIVQAMN
;
C
#
# COMPACT_ATOMS: atom_id res chain seq x y z
N MET A 1 31.77 -36.65 0.78
CA MET A 1 32.08 -35.18 0.69
C MET A 1 31.09 -34.37 1.54
N LYS A 2 31.59 -33.36 2.25
CA LYS A 2 30.76 -32.52 3.12
C LYS A 2 30.69 -31.04 2.75
N ILE A 3 29.51 -30.43 2.96
CA ILE A 3 29.31 -29.02 2.68
C ILE A 3 28.61 -28.39 3.89
N ALA A 4 29.05 -27.19 4.29
CA ALA A 4 28.47 -26.54 5.46
C ALA A 4 28.02 -25.11 5.24
N ILE A 5 26.91 -24.77 5.89
CA ILE A 5 26.39 -23.43 5.77
C ILE A 5 26.28 -22.87 7.18
N PRO A 6 27.07 -21.83 7.47
CA PRO A 6 27.09 -21.19 8.77
C PRO A 6 26.01 -20.12 8.87
N LYS A 7 25.80 -19.62 10.08
CA LYS A 7 24.83 -18.58 10.33
C LYS A 7 25.57 -17.28 9.99
N GLU A 8 24.88 -16.31 9.42
CA GLU A 8 25.53 -15.05 9.09
C GLU A 8 25.75 -14.25 10.37
N ARG A 9 27.00 -13.82 10.60
CA ARG A 9 27.34 -13.07 11.81
C ARG A 9 27.52 -11.57 11.61
N ARG A 10 27.52 -11.09 10.37
CA ARG A 10 27.68 -9.66 10.14
C ARG A 10 26.45 -8.88 10.58
N PRO A 11 26.65 -7.63 11.05
CA PRO A 11 25.55 -6.78 11.51
C PRO A 11 24.43 -6.65 10.50
N GLY A 12 23.24 -7.11 10.86
CA GLY A 12 22.10 -7.01 9.97
C GLY A 12 21.75 -8.23 9.14
N GLU A 13 22.74 -8.81 8.48
CA GLU A 13 22.51 -9.97 7.64
C GLU A 13 21.61 -11.06 8.22
N ASP A 14 20.41 -11.20 7.65
CA ASP A 14 19.45 -12.21 8.08
C ASP A 14 19.29 -13.33 7.07
N ARG A 15 20.05 -13.25 5.98
CA ARG A 15 20.00 -14.26 4.93
C ARG A 15 20.90 -15.42 5.29
N VAL A 16 20.72 -16.54 4.60
CA VAL A 16 21.51 -17.72 4.83
C VAL A 16 21.62 -18.37 3.47
N ALA A 17 22.77 -18.99 3.20
CA ALA A 17 23.01 -19.64 1.91
C ALA A 17 22.45 -21.06 1.90
N ILE A 18 21.14 -21.20 2.09
CA ILE A 18 20.55 -22.53 2.10
C ILE A 18 19.03 -22.46 2.26
N SER A 19 18.39 -23.59 1.99
CA SER A 19 16.95 -23.75 2.09
C SER A 19 16.68 -25.25 2.14
N PRO A 20 15.46 -25.66 2.53
CA PRO A 20 15.19 -27.09 2.59
C PRO A 20 15.34 -27.71 1.20
N GLU A 21 14.68 -27.08 0.21
CA GLU A 21 14.72 -27.54 -1.16
C GLU A 21 16.15 -27.77 -1.68
N VAL A 22 17.07 -26.85 -1.38
CA VAL A 22 18.43 -26.99 -1.87
C VAL A 22 19.26 -28.09 -1.20
N VAL A 23 18.84 -28.53 -0.01
CA VAL A 23 19.57 -29.60 0.66
C VAL A 23 19.28 -30.91 -0.06
N LYS A 24 18.01 -31.13 -0.36
CA LYS A 24 17.59 -32.35 -1.07
C LYS A 24 18.46 -32.57 -2.31
N LYS A 25 18.60 -31.53 -3.13
CA LYS A 25 19.39 -31.61 -4.34
C LYS A 25 20.85 -31.87 -4.02
N LEU A 26 21.38 -31.17 -3.02
CA LEU A 26 22.77 -31.34 -2.62
C LEU A 26 23.04 -32.78 -2.15
N VAL A 27 22.06 -33.34 -1.43
CA VAL A 27 22.18 -34.71 -0.94
C VAL A 27 22.30 -35.69 -2.10
N GLY A 28 21.33 -35.62 -3.02
CA GLY A 28 21.33 -36.49 -4.18
C GLY A 28 22.60 -36.44 -5.01
N LEU A 29 23.42 -35.41 -4.78
CA LEU A 29 24.67 -35.26 -5.52
C LEU A 29 25.83 -35.94 -4.78
N GLY A 30 25.56 -36.43 -3.58
CA GLY A 30 26.59 -37.09 -2.80
C GLY A 30 27.24 -36.21 -1.73
N PHE A 31 26.53 -35.17 -1.32
CA PHE A 31 27.03 -34.26 -0.30
C PHE A 31 26.43 -34.51 1.08
N GLU A 32 27.28 -34.39 2.09
CA GLU A 32 26.83 -34.53 3.47
C GLU A 32 26.68 -33.06 3.86
N VAL A 33 25.46 -32.65 4.19
CA VAL A 33 25.17 -31.25 4.51
C VAL A 33 24.98 -30.93 5.99
N ILE A 34 25.88 -30.12 6.52
CA ILE A 34 25.79 -29.71 7.92
C ILE A 34 25.48 -28.22 7.91
N VAL A 35 24.46 -27.82 8.66
CA VAL A 35 24.05 -26.42 8.76
C VAL A 35 24.18 -26.03 10.23
N GLU A 36 24.45 -24.75 10.48
CA GLU A 36 24.59 -24.30 11.86
C GLU A 36 23.23 -24.12 12.53
N GLN A 37 23.13 -24.64 13.74
CA GLN A 37 21.92 -24.54 14.53
C GLN A 37 21.47 -23.08 14.63
N GLY A 38 20.23 -22.81 14.20
CA GLY A 38 19.70 -21.46 14.25
C GLY A 38 20.13 -20.55 13.12
N ALA A 39 20.82 -21.10 12.14
CA ALA A 39 21.31 -20.30 11.01
C ALA A 39 20.22 -19.72 10.12
N GLY A 40 19.08 -20.40 10.03
CA GLY A 40 18.01 -19.93 9.17
C GLY A 40 16.87 -19.19 9.85
N VAL A 41 17.13 -18.70 11.06
CA VAL A 41 16.11 -18.00 11.81
C VAL A 41 15.69 -16.67 11.22
N GLY A 42 16.61 -15.97 10.56
CA GLY A 42 16.27 -14.67 9.99
C GLY A 42 15.50 -14.79 8.68
N ALA A 43 15.59 -15.96 8.06
CA ALA A 43 14.92 -16.20 6.80
C ALA A 43 13.71 -17.12 6.95
N SER A 44 13.33 -17.38 8.21
CA SER A 44 12.19 -18.24 8.53
C SER A 44 12.41 -19.71 8.22
N ILE A 45 13.64 -20.06 7.82
CA ILE A 45 13.96 -21.45 7.52
C ILE A 45 14.40 -22.13 8.82
N THR A 46 13.53 -22.98 9.37
CA THR A 46 13.76 -23.69 10.64
C THR A 46 14.71 -24.89 10.63
N ASP A 47 15.27 -25.21 11.80
CA ASP A 47 16.19 -26.34 11.91
C ASP A 47 15.45 -27.63 11.58
N ASP A 48 14.23 -27.77 12.12
CA ASP A 48 13.39 -28.94 11.88
C ASP A 48 13.23 -29.21 10.39
N ALA A 49 12.98 -28.14 9.63
CA ALA A 49 12.79 -28.25 8.18
C ALA A 49 14.04 -28.73 7.42
N LEU A 50 15.21 -28.25 7.81
CA LEU A 50 16.45 -28.65 7.15
C LEU A 50 16.81 -30.11 7.39
N THR A 51 16.55 -30.62 8.59
CA THR A 51 16.83 -32.02 8.90
C THR A 51 15.94 -32.93 8.04
N ALA A 52 14.65 -32.63 8.01
CA ALA A 52 13.70 -33.40 7.21
C ALA A 52 14.19 -33.48 5.77
N ALA A 53 14.88 -32.44 5.34
CA ALA A 53 15.43 -32.37 3.98
C ALA A 53 16.70 -33.20 3.83
N GLY A 54 17.17 -33.77 4.93
CA GLY A 54 18.36 -34.60 4.85
C GLY A 54 19.66 -34.08 5.42
N ALA A 55 19.73 -32.80 5.74
CA ALA A 55 20.96 -32.23 6.29
C ALA A 55 21.10 -32.54 7.77
N THR A 56 22.21 -32.10 8.35
CA THR A 56 22.49 -32.31 9.77
C THR A 56 22.64 -30.95 10.45
N ILE A 57 22.46 -30.92 11.77
CA ILE A 57 22.57 -29.68 12.51
C ILE A 57 23.78 -29.63 13.44
N ALA A 58 24.57 -28.57 13.32
CA ALA A 58 25.77 -28.36 14.13
C ALA A 58 25.51 -27.38 15.27
N SER A 59 26.05 -27.67 16.45
CA SER A 59 25.87 -26.80 17.61
C SER A 59 26.52 -25.43 17.40
N THR A 60 27.79 -25.43 16.98
CA THR A 60 28.53 -24.18 16.75
C THR A 60 28.98 -23.98 15.32
N ALA A 61 29.29 -22.72 15.00
CA ALA A 61 29.77 -22.38 13.68
C ALA A 61 31.06 -23.15 13.46
N ALA A 62 31.92 -23.13 14.47
CA ALA A 62 33.20 -23.83 14.39
C ALA A 62 33.02 -25.31 14.07
N GLN A 63 31.98 -25.91 14.63
CA GLN A 63 31.72 -27.33 14.41
C GLN A 63 31.18 -27.54 12.99
N ALA A 64 30.49 -26.53 12.47
CA ALA A 64 29.94 -26.61 11.13
C ALA A 64 31.01 -26.68 10.03
N LEU A 65 32.09 -25.90 10.18
CA LEU A 65 33.15 -25.90 9.18
C LEU A 65 34.25 -26.93 9.47
N SER A 66 34.30 -27.40 10.72
CA SER A 66 35.33 -28.36 11.16
C SER A 66 35.83 -29.36 10.11
N GLN A 67 34.90 -30.05 9.46
CA GLN A 67 35.24 -31.06 8.45
C GLN A 67 34.58 -30.78 7.11
N ALA A 68 34.42 -29.50 6.81
CA ALA A 68 33.77 -29.08 5.57
C ALA A 68 34.65 -29.12 4.34
N ASP A 69 34.19 -29.85 3.33
CA ASP A 69 34.89 -29.97 2.06
C ASP A 69 34.56 -28.76 1.19
N VAL A 70 33.41 -28.16 1.47
CA VAL A 70 32.93 -26.97 0.76
C VAL A 70 32.06 -26.13 1.71
N VAL A 71 32.35 -24.83 1.78
CA VAL A 71 31.61 -23.94 2.65
C VAL A 71 30.86 -22.86 1.89
N TRP A 72 29.57 -22.75 2.17
CA TRP A 72 28.71 -21.76 1.54
C TRP A 72 28.32 -20.68 2.52
N LYS A 73 28.43 -19.43 2.08
CA LYS A 73 28.08 -18.27 2.89
C LYS A 73 27.41 -17.21 2.03
N VAL A 74 26.79 -16.24 2.69
CA VAL A 74 26.15 -15.15 1.98
C VAL A 74 27.17 -14.05 1.84
N GLN A 75 27.60 -13.52 2.98
CA GLN A 75 28.57 -12.44 3.00
C GLN A 75 29.97 -12.94 3.33
N ARG A 76 30.98 -12.16 2.94
CA ARG A 76 32.39 -12.50 3.16
C ARG A 76 32.72 -12.75 4.64
N PRO A 77 33.58 -13.75 4.90
CA PRO A 77 33.97 -14.08 6.27
C PRO A 77 34.63 -12.88 6.93
N MET A 78 34.39 -12.71 8.22
CA MET A 78 34.98 -11.61 8.97
C MET A 78 36.43 -11.97 9.27
N THR A 79 37.37 -11.20 8.72
CA THR A 79 38.79 -11.47 8.95
C THR A 79 39.14 -11.36 10.45
N ALA A 80 40.26 -11.97 10.83
CA ALA A 80 40.71 -11.97 12.21
C ALA A 80 40.66 -10.60 12.88
N GLU A 81 41.01 -9.56 12.12
CA GLU A 81 41.02 -8.20 12.65
C GLU A 81 39.64 -7.53 12.63
N GLU A 82 38.69 -8.14 11.94
CA GLU A 82 37.33 -7.59 11.87
C GLU A 82 36.53 -7.81 13.17
N GLY A 83 37.04 -8.67 14.05
CA GLY A 83 36.34 -8.91 15.30
C GLY A 83 36.07 -10.35 15.65
N THR A 84 36.44 -11.26 14.75
CA THR A 84 36.24 -12.68 14.97
C THR A 84 36.71 -13.46 13.74
N ASP A 85 37.78 -14.23 13.90
CA ASP A 85 38.35 -14.98 12.80
C ASP A 85 37.45 -16.10 12.27
N GLU A 86 36.76 -15.85 11.16
CA GLU A 86 35.91 -16.85 10.56
C GLU A 86 36.72 -17.59 9.51
N VAL A 87 37.57 -16.85 8.79
CA VAL A 87 38.42 -17.44 7.76
C VAL A 87 39.27 -18.51 8.45
N ALA A 88 39.40 -18.36 9.77
CA ALA A 88 40.19 -19.26 10.58
C ALA A 88 39.46 -20.54 10.92
N LEU A 89 38.13 -20.54 10.72
CA LEU A 89 37.33 -21.72 11.01
C LEU A 89 37.31 -22.62 9.79
N ILE A 90 36.89 -22.07 8.65
CA ILE A 90 36.83 -22.83 7.41
C ILE A 90 38.04 -23.73 7.33
N LYS A 91 37.82 -25.04 7.38
CA LYS A 91 38.90 -26.01 7.32
C LYS A 91 39.80 -25.71 6.13
N GLU A 92 41.10 -25.90 6.35
CA GLU A 92 42.11 -25.68 5.33
C GLU A 92 41.86 -26.52 4.07
N GLY A 93 42.22 -25.99 2.90
CA GLY A 93 42.06 -26.72 1.65
C GLY A 93 40.68 -26.86 1.02
N ALA A 94 39.62 -26.51 1.76
CA ALA A 94 38.26 -26.61 1.25
C ALA A 94 37.91 -25.48 0.29
N VAL A 95 36.69 -25.49 -0.25
CA VAL A 95 36.25 -24.44 -1.16
C VAL A 95 35.15 -23.59 -0.53
N LEU A 96 35.25 -22.29 -0.78
CA LEU A 96 34.30 -21.33 -0.25
C LEU A 96 33.61 -20.63 -1.41
N MET A 97 32.32 -20.33 -1.22
CA MET A 97 31.55 -19.63 -2.24
C MET A 97 30.65 -18.62 -1.55
N CYS A 98 30.68 -17.38 -2.02
CA CYS A 98 29.86 -16.34 -1.41
C CYS A 98 30.11 -14.98 -2.03
N HIS A 99 29.43 -13.97 -1.50
CA HIS A 99 29.58 -12.58 -1.95
C HIS A 99 30.78 -12.02 -1.18
N LEU A 100 31.93 -12.64 -1.41
CA LEU A 100 33.18 -12.26 -0.78
C LEU A 100 33.45 -10.77 -0.97
N GLY A 101 33.04 -10.25 -2.13
CA GLY A 101 33.23 -8.85 -2.43
C GLY A 101 34.65 -8.56 -2.84
N ALA A 102 35.26 -9.52 -3.55
CA ALA A 102 36.63 -9.43 -4.02
C ALA A 102 37.21 -8.02 -4.06
N LEU A 103 37.25 -7.43 -5.25
CA LEU A 103 37.79 -6.09 -5.50
C LEU A 103 38.06 -5.17 -4.29
N THR A 104 37.02 -4.82 -3.54
CA THR A 104 37.20 -3.92 -2.41
C THR A 104 37.66 -4.54 -1.09
N ASN A 105 37.78 -5.87 -1.05
CA ASN A 105 38.22 -6.58 0.16
C ASN A 105 39.46 -7.43 -0.12
N ARG A 106 40.58 -6.74 -0.36
CA ARG A 106 41.85 -7.38 -0.68
C ARG A 106 42.40 -8.27 0.45
N PRO A 107 42.27 -7.81 1.72
CA PRO A 107 42.79 -8.61 2.84
C PRO A 107 42.14 -9.99 3.03
N VAL A 108 40.83 -10.02 3.19
CA VAL A 108 40.12 -11.30 3.39
C VAL A 108 40.54 -12.33 2.33
N VAL A 109 40.96 -11.84 1.16
CA VAL A 109 41.40 -12.68 0.05
C VAL A 109 42.73 -13.38 0.34
N GLU A 110 43.61 -12.71 1.08
CA GLU A 110 44.91 -13.28 1.42
C GLU A 110 44.82 -14.19 2.64
N ALA A 111 43.96 -13.84 3.60
CA ALA A 111 43.77 -14.64 4.81
C ALA A 111 43.31 -16.03 4.39
N LEU A 112 42.52 -16.08 3.31
CA LEU A 112 42.04 -17.34 2.75
C LEU A 112 43.18 -17.98 1.96
N THR A 113 43.98 -17.15 1.28
CA THR A 113 45.11 -17.65 0.51
C THR A 113 46.16 -18.27 1.43
N LYS A 114 46.19 -17.86 2.69
CA LYS A 114 47.14 -18.38 3.67
C LYS A 114 46.64 -19.67 4.34
N ARG A 115 45.32 -19.81 4.44
CA ARG A 115 44.71 -21.00 5.02
C ARG A 115 44.56 -22.05 3.93
N LYS A 116 45.27 -21.86 2.81
CA LYS A 116 45.20 -22.78 1.68
C LYS A 116 43.73 -23.02 1.31
N ILE A 117 42.97 -21.92 1.19
CA ILE A 117 41.54 -21.99 0.87
C ILE A 117 41.17 -21.47 -0.53
N THR A 118 40.39 -22.26 -1.26
CA THR A 118 39.93 -21.91 -2.61
C THR A 118 38.55 -21.24 -2.47
N ALA A 119 38.46 -19.96 -2.84
CA ALA A 119 37.20 -19.23 -2.72
C ALA A 119 36.66 -18.69 -4.04
N TYR A 120 35.34 -18.75 -4.17
CA TYR A 120 34.67 -18.28 -5.37
C TYR A 120 33.78 -17.08 -5.06
N ALA A 121 34.07 -15.96 -5.71
CA ALA A 121 33.33 -14.71 -5.55
C ALA A 121 32.16 -14.64 -6.52
N MET A 122 31.00 -15.05 -6.03
CA MET A 122 29.78 -15.08 -6.82
C MET A 122 29.34 -13.76 -7.47
N GLU A 123 29.86 -12.64 -6.98
CA GLU A 123 29.47 -11.35 -7.54
C GLU A 123 30.27 -10.97 -8.78
N LEU A 124 31.19 -11.85 -9.18
CA LEU A 124 32.01 -11.60 -10.34
C LEU A 124 31.53 -12.43 -11.52
N MET A 125 30.42 -13.12 -11.33
CA MET A 125 29.84 -13.97 -12.36
C MET A 125 29.70 -13.24 -13.71
N PRO A 126 30.17 -13.85 -14.80
CA PRO A 126 30.06 -13.22 -16.11
C PRO A 126 28.63 -12.90 -16.53
N ARG A 127 28.47 -11.86 -17.35
CA ARG A 127 27.15 -11.45 -17.81
C ARG A 127 26.67 -12.25 -19.01
N ILE A 128 26.93 -13.56 -18.99
CA ILE A 128 26.49 -14.42 -20.07
C ILE A 128 25.07 -14.89 -19.79
N SER A 129 24.28 -15.03 -20.87
CA SER A 129 22.88 -15.42 -20.77
C SER A 129 22.60 -16.79 -20.13
N ARG A 130 23.60 -17.65 -20.06
CA ARG A 130 23.38 -18.96 -19.48
C ARG A 130 23.69 -18.98 -17.99
N ALA A 131 24.09 -17.84 -17.45
CA ALA A 131 24.42 -17.75 -16.03
C ALA A 131 23.39 -16.99 -15.24
N GLN A 132 22.32 -16.53 -15.89
CA GLN A 132 21.30 -15.78 -15.18
C GLN A 132 20.83 -16.58 -13.97
N SER A 133 20.76 -17.90 -14.11
CA SER A 133 20.30 -18.73 -13.01
C SER A 133 21.29 -18.84 -11.85
N MET A 134 22.48 -18.27 -12.04
CA MET A 134 23.49 -18.32 -10.98
C MET A 134 24.02 -16.94 -10.58
N ASP A 135 23.36 -15.90 -11.09
CA ASP A 135 23.73 -14.51 -10.82
C ASP A 135 23.11 -14.01 -9.50
N ILE A 136 23.92 -13.79 -8.46
CA ILE A 136 23.36 -13.31 -7.21
C ILE A 136 23.05 -11.81 -7.22
N LEU A 137 23.73 -11.05 -8.05
CA LEU A 137 23.44 -9.62 -8.10
C LEU A 137 21.98 -9.46 -8.54
N SER A 138 21.59 -10.20 -9.58
CA SER A 138 20.23 -10.16 -10.13
C SER A 138 19.14 -10.65 -9.17
N SER A 139 19.30 -11.85 -8.63
CA SER A 139 18.30 -12.38 -7.72
C SER A 139 18.09 -11.47 -6.52
N GLN A 140 19.12 -10.71 -6.14
CA GLN A 140 18.99 -9.79 -5.01
C GLN A 140 18.50 -8.41 -5.47
N SER A 141 18.99 -7.96 -6.61
CA SER A 141 18.58 -6.66 -7.14
C SER A 141 17.07 -6.67 -7.24
N ASN A 142 16.56 -7.72 -7.87
CA ASN A 142 15.14 -7.89 -8.10
C ASN A 142 14.31 -7.68 -6.83
N LEU A 143 14.71 -8.31 -5.74
CA LEU A 143 14.01 -8.15 -4.49
C LEU A 143 14.18 -6.75 -3.94
N ALA A 144 15.35 -6.17 -4.21
CA ALA A 144 15.67 -4.82 -3.75
C ALA A 144 14.73 -3.79 -4.37
N GLY A 145 14.38 -4.02 -5.62
CA GLY A 145 13.48 -3.11 -6.31
C GLY A 145 12.08 -3.16 -5.71
N TYR A 146 11.69 -4.36 -5.28
CA TYR A 146 10.40 -4.53 -4.65
C TYR A 146 10.41 -3.80 -3.32
N ARG A 147 11.35 -4.19 -2.47
CA ARG A 147 11.48 -3.58 -1.15
C ARG A 147 11.64 -2.05 -1.16
N ALA A 148 12.10 -1.49 -2.27
CA ALA A 148 12.27 -0.03 -2.37
C ALA A 148 10.92 0.66 -2.32
N VAL A 149 10.00 0.15 -3.15
CA VAL A 149 8.64 0.66 -3.24
C VAL A 149 7.96 0.47 -1.90
N ILE A 150 8.21 -0.67 -1.28
CA ILE A 150 7.64 -0.96 0.03
C ILE A 150 8.16 0.10 1.01
N ASP A 151 9.48 0.22 1.10
CA ASP A 151 10.09 1.19 2.00
C ASP A 151 9.61 2.60 1.65
N GLY A 152 9.38 2.85 0.37
CA GLY A 152 8.91 4.17 -0.02
C GLY A 152 7.50 4.41 0.48
N ALA A 153 6.65 3.43 0.28
CA ALA A 153 5.27 3.52 0.70
C ALA A 153 5.24 3.70 2.22
N TYR A 154 6.19 3.08 2.91
CA TYR A 154 6.23 3.17 4.36
C TYR A 154 6.53 4.57 4.88
N GLU A 155 7.58 5.16 4.33
CA GLU A 155 8.02 6.47 4.71
C GLU A 155 7.12 7.59 4.21
N PHE A 156 6.37 7.30 3.15
CA PHE A 156 5.46 8.29 2.54
C PHE A 156 4.21 8.49 3.39
N ALA A 157 3.80 9.74 3.60
CA ALA A 157 2.61 9.99 4.41
C ALA A 157 1.30 10.01 3.61
N ARG A 158 1.37 9.73 2.31
CA ARG A 158 0.16 9.70 1.50
C ARG A 158 -0.03 8.26 1.03
N ALA A 159 -1.21 7.95 0.49
CA ALA A 159 -1.49 6.62 0.00
C ALA A 159 -1.01 6.55 -1.44
N PHE A 160 -0.68 5.36 -1.89
CA PHE A 160 -0.20 5.22 -3.26
C PHE A 160 -1.24 5.31 -4.37
N PRO A 161 -2.35 4.58 -4.26
CA PRO A 161 -3.39 4.58 -5.29
C PRO A 161 -4.41 5.69 -5.31
N MET A 162 -4.96 5.94 -6.48
CA MET A 162 -6.01 6.93 -6.62
C MET A 162 -7.27 6.27 -6.07
N MET A 163 -8.10 7.04 -5.38
CA MET A 163 -9.32 6.53 -4.81
C MET A 163 -10.30 7.67 -4.85
N MET A 164 -11.38 7.52 -5.60
CA MET A 164 -12.39 8.57 -5.65
C MET A 164 -13.33 8.26 -4.49
N THR A 165 -13.41 9.20 -3.55
CA THR A 165 -14.23 9.00 -2.38
C THR A 165 -15.28 10.09 -2.17
N ALA A 166 -16.26 9.75 -1.36
CA ALA A 166 -17.36 10.64 -1.03
C ALA A 166 -16.84 11.89 -0.31
N ALA A 167 -15.59 11.82 0.15
CA ALA A 167 -14.97 12.93 0.88
C ALA A 167 -13.95 13.63 0.01
N GLY A 168 -13.94 13.28 -1.26
CA GLY A 168 -13.00 13.91 -2.15
C GLY A 168 -12.08 12.87 -2.73
N THR A 169 -11.28 13.30 -3.68
CA THR A 169 -10.38 12.38 -4.36
C THR A 169 -8.94 12.41 -3.89
N VAL A 170 -8.45 11.24 -3.48
CA VAL A 170 -7.06 11.13 -3.07
C VAL A 170 -6.36 10.70 -4.37
N PRO A 171 -5.56 11.62 -4.94
CA PRO A 171 -4.78 11.43 -6.18
C PRO A 171 -3.74 10.35 -6.09
N PRO A 172 -3.33 9.80 -7.23
CA PRO A 172 -2.32 8.75 -7.18
C PRO A 172 -0.93 9.30 -6.94
N ALA A 173 -0.12 8.54 -6.22
CA ALA A 173 1.24 8.95 -5.97
C ALA A 173 1.92 8.93 -7.34
N ARG A 174 2.93 9.77 -7.51
CA ARG A 174 3.67 9.86 -8.76
C ARG A 174 5.07 9.38 -8.43
N VAL A 175 5.48 8.25 -9.02
CA VAL A 175 6.80 7.71 -8.74
C VAL A 175 7.71 7.89 -9.94
N LEU A 176 8.98 8.13 -9.68
CA LEU A 176 9.94 8.32 -10.74
C LEU A 176 11.12 7.44 -10.39
N VAL A 177 11.52 6.56 -11.30
CA VAL A 177 12.66 5.69 -11.03
C VAL A 177 13.82 5.91 -12.02
N PHE A 178 14.96 6.31 -11.44
CA PHE A 178 16.20 6.57 -12.16
C PHE A 178 17.01 5.28 -12.23
N GLY A 179 17.13 4.75 -13.44
CA GLY A 179 17.87 3.51 -13.61
C GLY A 179 16.92 2.35 -13.74
N VAL A 180 16.69 1.90 -14.99
CA VAL A 180 15.77 0.80 -15.21
C VAL A 180 16.43 -0.55 -15.48
N GLY A 181 17.21 -1.00 -14.52
CA GLY A 181 17.86 -2.30 -14.63
C GLY A 181 16.95 -3.28 -13.91
N VAL A 182 17.54 -4.33 -13.32
CA VAL A 182 16.75 -5.33 -12.61
C VAL A 182 15.98 -4.70 -11.47
N ALA A 183 16.70 -4.12 -10.51
CA ALA A 183 16.07 -3.48 -9.37
C ALA A 183 15.05 -2.42 -9.79
N GLY A 184 15.37 -1.67 -10.85
CA GLY A 184 14.49 -0.63 -11.32
C GLY A 184 13.23 -1.10 -12.02
N LEU A 185 13.35 -2.19 -12.79
CA LEU A 185 12.20 -2.73 -13.50
C LEU A 185 11.15 -3.21 -12.50
N GLN A 186 11.62 -3.88 -11.46
CA GLN A 186 10.74 -4.40 -10.42
C GLN A 186 10.14 -3.26 -9.60
N ALA A 187 10.91 -2.19 -9.42
CA ALA A 187 10.43 -1.04 -8.69
C ALA A 187 9.27 -0.46 -9.49
N ILE A 188 9.38 -0.51 -10.81
CA ILE A 188 8.34 0.02 -11.67
C ILE A 188 7.10 -0.85 -11.55
N ALA A 189 7.31 -2.16 -11.57
CA ALA A 189 6.20 -3.10 -11.50
C ALA A 189 5.41 -2.99 -10.20
N THR A 190 6.11 -3.07 -9.08
CA THR A 190 5.47 -3.02 -7.79
C THR A 190 4.80 -1.67 -7.61
N ALA A 191 5.42 -0.62 -8.13
CA ALA A 191 4.83 0.71 -8.01
C ALA A 191 3.54 0.77 -8.82
N LYS A 192 3.57 0.19 -10.01
CA LYS A 192 2.39 0.20 -10.86
C LYS A 192 1.22 -0.57 -10.22
N ARG A 193 1.55 -1.59 -9.42
CA ARG A 193 0.58 -2.42 -8.70
C ARG A 193 -0.21 -1.62 -7.64
N LEU A 194 0.49 -0.84 -6.83
CA LEU A 194 -0.16 -0.04 -5.80
C LEU A 194 -0.93 1.14 -6.41
N GLY A 195 -0.93 1.23 -7.74
CA GLY A 195 -1.67 2.28 -8.42
C GLY A 195 -1.02 3.62 -8.70
N ALA A 196 0.29 3.69 -8.64
CA ALA A 196 0.97 4.94 -8.88
C ALA A 196 1.25 5.16 -10.37
N VAL A 197 1.32 6.43 -10.77
CA VAL A 197 1.66 6.76 -12.13
C VAL A 197 3.18 6.66 -12.02
N VAL A 198 3.80 5.86 -12.88
CA VAL A 198 5.24 5.69 -12.79
C VAL A 198 6.02 6.34 -13.94
N MET A 199 7.14 6.97 -13.57
CA MET A 199 8.01 7.66 -14.52
C MET A 199 9.39 7.03 -14.40
N ALA A 200 10.08 6.87 -15.53
CA ALA A 200 11.42 6.28 -15.50
C ALA A 200 12.35 6.81 -16.59
N THR A 201 13.65 6.57 -16.40
CA THR A 201 14.68 6.98 -17.34
C THR A 201 15.96 6.18 -17.12
N ASP A 202 16.71 5.97 -18.19
CA ASP A 202 17.97 5.22 -18.16
C ASP A 202 18.80 5.68 -19.37
N VAL A 203 20.11 5.50 -19.30
CA VAL A 203 20.97 5.86 -20.41
C VAL A 203 20.85 4.77 -21.47
N ARG A 204 20.89 3.51 -21.06
CA ARG A 204 20.75 2.40 -22.01
C ARG A 204 19.42 2.54 -22.75
N ALA A 205 19.50 2.73 -24.06
CA ALA A 205 18.32 2.91 -24.90
C ALA A 205 17.37 1.71 -25.01
N ALA A 206 17.88 0.51 -24.80
CA ALA A 206 17.05 -0.69 -24.88
C ALA A 206 16.06 -0.77 -23.73
N THR A 207 16.07 0.27 -22.90
CA THR A 207 15.19 0.35 -21.74
C THR A 207 13.79 0.84 -22.11
N LYS A 208 13.70 2.07 -22.62
CA LYS A 208 12.44 2.68 -23.02
C LYS A 208 11.36 1.65 -23.42
N GLU A 209 11.76 0.63 -24.16
CA GLU A 209 10.80 -0.39 -24.58
C GLU A 209 10.20 -1.08 -23.35
N GLN A 210 11.08 -1.66 -22.52
CA GLN A 210 10.69 -2.38 -21.31
C GLN A 210 9.79 -1.55 -20.38
N VAL A 211 10.15 -0.28 -20.20
CA VAL A 211 9.37 0.61 -19.35
C VAL A 211 7.93 0.73 -19.86
N GLU A 212 7.78 1.02 -21.14
CA GLU A 212 6.47 1.19 -21.73
C GLU A 212 5.62 -0.08 -21.64
N SER A 213 6.25 -1.24 -21.65
CA SER A 213 5.52 -2.50 -21.57
C SER A 213 4.97 -2.80 -20.17
N LEU A 214 5.61 -2.24 -19.15
CA LEU A 214 5.17 -2.46 -17.77
C LEU A 214 4.05 -1.52 -17.38
N GLY A 215 3.94 -0.40 -18.09
CA GLY A 215 2.88 0.54 -17.78
C GLY A 215 3.37 1.93 -17.42
N GLY A 216 4.68 2.15 -17.52
CA GLY A 216 5.24 3.46 -17.20
C GLY A 216 5.63 4.26 -18.43
N LYS A 217 5.76 5.58 -18.26
CA LYS A 217 6.16 6.47 -19.36
C LYS A 217 7.67 6.71 -19.30
N PHE A 218 8.31 6.75 -20.46
CA PHE A 218 9.75 6.96 -20.51
C PHE A 218 10.18 8.41 -20.73
N ILE A 219 11.06 8.88 -19.86
CA ILE A 219 11.61 10.25 -19.93
C ILE A 219 12.84 10.23 -20.86
N THR A 220 12.60 10.40 -22.16
CA THR A 220 13.66 10.40 -23.17
C THR A 220 14.63 11.56 -23.02
N VAL A 221 15.90 11.33 -23.34
CA VAL A 221 16.92 12.37 -23.24
C VAL A 221 17.94 12.36 -24.40
N ASP A 222 19.14 11.82 -24.18
CA ASP A 222 20.21 11.75 -25.19
C ASP A 222 20.48 13.11 -25.85
N ALA A 232 27.55 -1.33 -23.39
CA ALA A 232 28.71 -2.17 -23.10
C ALA A 232 28.39 -3.64 -23.33
N GLY A 233 29.04 -4.51 -22.55
CA GLY A 233 28.81 -5.93 -22.67
C GLY A 233 27.65 -6.38 -21.78
N GLY A 234 26.84 -5.42 -21.34
CA GLY A 234 25.70 -5.70 -20.49
C GLY A 234 25.38 -4.56 -19.53
N TYR A 235 26.20 -3.52 -19.54
CA TYR A 235 25.99 -2.37 -18.65
C TYR A 235 26.44 -1.05 -19.29
N ALA A 236 26.72 -0.05 -18.47
CA ALA A 236 27.14 1.26 -18.96
C ALA A 236 28.40 1.81 -18.27
N LYS A 237 28.78 3.03 -18.65
CA LYS A 237 29.95 3.71 -18.09
C LYS A 237 29.60 5.17 -17.81
N GLU A 238 30.60 5.98 -17.47
CA GLU A 238 30.34 7.40 -17.20
C GLU A 238 29.82 8.05 -18.48
N MET A 239 28.94 9.05 -18.33
CA MET A 239 28.36 9.72 -19.49
C MET A 239 28.94 11.10 -19.80
N GLY A 240 29.57 11.72 -18.82
CA GLY A 240 30.16 13.03 -19.02
C GLY A 240 29.26 14.16 -18.56
N GLU A 241 29.86 15.20 -18.00
CA GLU A 241 29.14 16.37 -17.50
C GLU A 241 28.14 16.93 -18.52
N GLU A 242 28.45 16.75 -19.81
CA GLU A 242 27.59 17.23 -20.88
C GLU A 242 26.19 16.62 -20.77
N PHE A 243 26.13 15.31 -20.54
CA PHE A 243 24.87 14.58 -20.43
C PHE A 243 24.08 14.88 -19.15
N ARG A 244 24.73 14.70 -18.01
CA ARG A 244 24.14 14.94 -16.71
C ARG A 244 23.29 16.22 -16.71
N LYS A 245 23.78 17.26 -17.39
CA LYS A 245 23.06 18.51 -17.47
C LYS A 245 21.89 18.39 -18.44
N LYS A 246 22.10 17.73 -19.58
CA LYS A 246 21.02 17.57 -20.54
C LYS A 246 19.95 16.64 -19.94
N GLN A 247 20.38 15.81 -18.98
CA GLN A 247 19.50 14.86 -18.29
C GLN A 247 18.51 15.58 -17.38
N ALA A 248 19.02 16.30 -16.38
CA ALA A 248 18.17 17.03 -15.44
C ALA A 248 17.28 18.02 -16.16
N GLU A 249 17.18 17.86 -17.48
CA GLU A 249 16.36 18.73 -18.32
C GLU A 249 14.90 18.39 -18.09
N ALA A 250 14.36 17.50 -18.92
CA ALA A 250 12.96 17.11 -18.80
C ALA A 250 12.69 16.34 -17.51
N VAL A 251 13.76 15.88 -16.84
CA VAL A 251 13.58 15.17 -15.59
C VAL A 251 12.89 16.13 -14.63
N LEU A 252 13.38 17.37 -14.60
CA LEU A 252 12.82 18.42 -13.74
C LEU A 252 11.29 18.45 -13.82
N LYS A 253 10.78 18.62 -15.03
CA LYS A 253 9.34 18.68 -15.28
C LYS A 253 8.58 17.61 -14.50
N GLU A 254 9.17 16.44 -14.40
CA GLU A 254 8.54 15.33 -13.68
C GLU A 254 9.03 15.17 -12.26
N LEU A 255 10.24 15.64 -11.98
CA LEU A 255 10.80 15.50 -10.64
C LEU A 255 10.15 16.43 -9.62
N VAL A 256 9.65 17.58 -10.06
CA VAL A 256 9.00 18.52 -9.16
C VAL A 256 7.55 18.14 -8.95
N LYS A 257 7.12 17.06 -9.59
CA LYS A 257 5.76 16.58 -9.45
C LYS A 257 5.82 15.20 -8.79
N THR A 258 7.03 14.71 -8.55
CA THR A 258 7.26 13.40 -7.96
C THR A 258 7.13 13.32 -6.44
N ASP A 259 6.60 12.19 -5.96
CA ASP A 259 6.39 11.95 -4.54
C ASP A 259 7.39 10.93 -4.03
N ILE A 260 7.72 9.97 -4.90
CA ILE A 260 8.70 8.93 -4.56
C ILE A 260 9.71 8.83 -5.69
N ALA A 261 10.98 8.92 -5.33
CA ALA A 261 12.03 8.81 -6.33
C ALA A 261 12.98 7.73 -5.87
N ILE A 262 13.13 6.71 -6.72
CA ILE A 262 14.00 5.59 -6.42
C ILE A 262 15.20 5.60 -7.37
N THR A 263 16.40 5.67 -6.81
CA THR A 263 17.63 5.70 -7.63
C THR A 263 18.36 4.36 -7.58
N THR A 264 18.56 3.74 -8.73
CA THR A 264 19.22 2.44 -8.82
C THR A 264 20.43 2.41 -9.77
N ALA A 265 20.89 3.58 -10.20
CA ALA A 265 22.00 3.69 -11.16
C ALA A 265 23.34 3.21 -10.66
N LEU A 266 23.99 2.39 -11.46
CA LEU A 266 25.30 1.84 -11.11
C LEU A 266 26.27 1.80 -12.29
N ILE A 267 27.55 1.90 -11.99
CA ILE A 267 28.59 1.87 -13.01
C ILE A 267 29.85 1.21 -12.42
N PRO A 268 30.16 -0.01 -12.85
CA PRO A 268 31.30 -0.78 -12.39
C PRO A 268 32.62 -0.02 -12.20
N GLY A 269 33.35 -0.40 -11.16
CA GLY A 269 34.64 0.20 -10.86
C GLY A 269 34.65 1.71 -10.65
N LYS A 270 33.51 2.35 -10.87
CA LYS A 270 33.41 3.79 -10.69
C LYS A 270 32.26 4.19 -9.76
N PRO A 271 32.44 5.28 -9.00
CA PRO A 271 31.44 5.79 -8.05
C PRO A 271 30.03 5.82 -8.66
N ALA A 272 29.02 5.57 -7.83
CA ALA A 272 27.64 5.59 -8.30
C ALA A 272 27.30 6.97 -8.84
N PRO A 273 26.71 7.03 -10.03
CA PRO A 273 26.34 8.30 -10.67
C PRO A 273 25.27 9.16 -9.99
N VAL A 274 25.66 10.37 -9.61
CA VAL A 274 24.75 11.29 -8.96
C VAL A 274 23.68 11.73 -9.97
N LEU A 275 22.41 11.50 -9.63
CA LEU A 275 21.31 11.84 -10.52
C LEU A 275 20.37 12.87 -9.90
N ILE A 276 20.44 13.02 -8.58
CA ILE A 276 19.60 13.98 -7.90
C ILE A 276 20.52 14.73 -6.95
N THR A 277 20.86 15.95 -7.33
CA THR A 277 21.75 16.80 -6.52
C THR A 277 20.95 17.42 -5.39
N GLU A 278 21.66 18.09 -4.49
CA GLU A 278 21.02 18.75 -3.36
C GLU A 278 20.22 19.95 -3.87
N GLU A 279 20.57 20.39 -5.08
CA GLU A 279 19.89 21.52 -5.69
C GLU A 279 18.57 21.07 -6.31
N MET A 280 18.43 19.76 -6.54
CA MET A 280 17.21 19.22 -7.11
C MET A 280 16.25 18.76 -6.00
N VAL A 281 16.80 18.16 -4.95
CA VAL A 281 15.97 17.72 -3.84
C VAL A 281 15.26 18.93 -3.26
N THR A 282 15.93 20.08 -3.34
CA THR A 282 15.40 21.33 -2.81
C THR A 282 14.15 21.77 -3.54
N LYS A 283 13.95 21.25 -4.74
CA LYS A 283 12.79 21.61 -5.55
C LYS A 283 11.64 20.60 -5.51
N MET A 284 11.83 19.48 -4.82
CA MET A 284 10.80 18.44 -4.73
C MET A 284 9.70 18.81 -3.74
N LYS A 285 8.47 18.39 -4.03
CA LYS A 285 7.34 18.68 -3.15
C LYS A 285 7.71 18.27 -1.74
N PRO A 286 7.23 19.01 -0.74
CA PRO A 286 7.54 18.66 0.65
C PRO A 286 6.86 17.34 1.00
N GLY A 287 7.52 16.50 1.78
CA GLY A 287 6.92 15.24 2.13
C GLY A 287 7.27 14.14 1.15
N SER A 288 8.08 14.48 0.14
CA SER A 288 8.49 13.49 -0.86
C SER A 288 9.55 12.57 -0.28
N VAL A 289 9.71 11.41 -0.89
CA VAL A 289 10.68 10.42 -0.44
C VAL A 289 11.62 9.97 -1.55
N ILE A 290 12.88 9.77 -1.18
CA ILE A 290 13.88 9.31 -2.13
C ILE A 290 14.52 8.02 -1.61
N ILE A 291 14.39 6.96 -2.40
CA ILE A 291 14.95 5.67 -2.03
C ILE A 291 16.24 5.53 -2.84
N ASP A 292 17.38 5.63 -2.16
CA ASP A 292 18.66 5.52 -2.82
C ASP A 292 19.19 4.11 -2.67
N LEU A 293 19.13 3.34 -3.75
CA LEU A 293 19.61 1.97 -3.68
C LEU A 293 21.12 1.87 -3.92
N ALA A 294 21.68 2.89 -4.56
CA ALA A 294 23.12 2.90 -4.83
C ALA A 294 23.92 3.50 -3.68
N VAL A 295 23.25 3.70 -2.55
CA VAL A 295 23.87 4.30 -1.38
C VAL A 295 25.24 3.72 -0.97
N GLU A 296 25.41 2.40 -1.12
CA GLU A 296 26.68 1.79 -0.74
C GLU A 296 27.78 1.97 -1.79
N ALA A 297 27.43 2.56 -2.93
CA ALA A 297 28.39 2.81 -4.00
C ALA A 297 28.54 4.32 -4.07
N GLY A 298 28.19 4.97 -2.97
CA GLY A 298 28.24 6.41 -2.88
C GLY A 298 26.83 6.96 -2.79
N GLY A 299 25.97 6.53 -3.70
CA GLY A 299 24.59 6.98 -3.73
C GLY A 299 24.36 7.83 -4.97
N ASN A 300 23.11 7.93 -5.41
CA ASN A 300 22.79 8.74 -6.59
C ASN A 300 22.40 10.14 -6.16
N CYS A 301 22.29 10.32 -4.85
CA CYS A 301 21.92 11.60 -4.27
C CYS A 301 22.84 11.79 -3.07
N PRO A 302 23.78 12.75 -3.15
CA PRO A 302 24.74 13.05 -2.08
C PRO A 302 24.18 13.18 -0.66
N LEU A 303 22.90 13.51 -0.53
CA LEU A 303 22.28 13.65 0.79
C LEU A 303 22.11 12.33 1.55
N SER A 304 21.98 11.23 0.81
CA SER A 304 21.79 9.92 1.41
C SER A 304 23.03 9.44 2.14
N GLU A 305 22.79 8.82 3.29
CA GLU A 305 23.85 8.32 4.15
C GLU A 305 23.52 6.87 4.52
N PRO A 306 24.40 5.93 4.14
CA PRO A 306 24.24 4.50 4.41
C PRO A 306 23.79 4.09 5.82
N GLY A 307 22.70 3.34 5.88
CA GLY A 307 22.18 2.84 7.14
C GLY A 307 21.19 3.74 7.87
N LYS A 308 20.88 4.90 7.31
CA LYS A 308 19.95 5.79 7.98
C LYS A 308 19.13 6.68 7.07
N ILE A 309 17.98 7.11 7.56
CA ILE A 309 17.07 7.96 6.83
C ILE A 309 17.44 9.42 7.13
N VAL A 310 17.57 10.22 6.07
CA VAL A 310 17.94 11.63 6.22
C VAL A 310 16.90 12.60 5.67
N VAL A 311 16.41 13.49 6.52
CA VAL A 311 15.43 14.47 6.10
C VAL A 311 16.16 15.79 5.86
N LYS A 312 16.04 16.33 4.66
CA LYS A 312 16.71 17.57 4.32
C LYS A 312 15.92 18.32 3.27
N HIS A 313 15.50 19.54 3.61
CA HIS A 313 14.76 20.41 2.69
C HIS A 313 13.32 19.91 2.48
N GLY A 314 12.78 19.22 3.48
CA GLY A 314 11.43 18.71 3.37
C GLY A 314 11.30 17.36 2.69
N VAL A 315 12.41 16.85 2.14
CA VAL A 315 12.40 15.56 1.47
C VAL A 315 13.08 14.51 2.33
N LYS A 316 12.50 13.32 2.37
CA LYS A 316 13.06 12.25 3.16
C LYS A 316 13.95 11.43 2.20
N ILE A 317 15.22 11.27 2.57
CA ILE A 317 16.14 10.50 1.73
C ILE A 317 16.56 9.24 2.45
N VAL A 318 16.05 8.11 1.97
CA VAL A 318 16.31 6.82 2.57
C VAL A 318 17.52 6.14 1.93
N GLY A 319 18.34 5.50 2.75
CA GLY A 319 19.51 4.84 2.26
C GLY A 319 19.87 3.60 3.06
N HIS A 320 18.90 2.73 3.29
CA HIS A 320 19.17 1.50 4.03
C HIS A 320 20.36 0.80 3.38
N THR A 321 21.00 -0.07 4.14
CA THR A 321 22.13 -0.84 3.62
C THR A 321 21.73 -2.31 3.56
N ASN A 322 22.27 -3.03 2.58
CA ASN A 322 21.98 -4.44 2.44
C ASN A 322 20.45 -4.62 2.38
N VAL A 323 19.82 -3.91 1.45
CA VAL A 323 18.37 -3.98 1.33
C VAL A 323 17.85 -5.40 1.10
N PRO A 324 18.58 -6.20 0.31
CA PRO A 324 18.11 -7.57 0.08
C PRO A 324 17.80 -8.31 1.38
N SER A 325 18.59 -8.06 2.43
CA SER A 325 18.39 -8.71 3.73
C SER A 325 17.05 -8.26 4.33
N ARG A 326 16.54 -7.13 3.85
CA ARG A 326 15.26 -6.63 4.32
C ARG A 326 14.19 -7.61 3.84
N VAL A 327 14.52 -8.39 2.81
CA VAL A 327 13.60 -9.39 2.25
C VAL A 327 14.24 -10.76 2.39
N ALA A 328 14.79 -11.00 3.58
CA ALA A 328 15.50 -12.24 3.89
C ALA A 328 14.87 -13.59 3.53
N ALA A 329 13.63 -13.82 3.96
CA ALA A 329 12.98 -15.10 3.68
C ALA A 329 12.85 -15.45 2.19
N ASP A 330 12.80 -14.45 1.31
CA ASP A 330 12.73 -14.75 -0.12
C ASP A 330 14.12 -14.73 -0.70
N ALA A 331 14.92 -13.77 -0.25
CA ALA A 331 16.28 -13.61 -0.74
C ALA A 331 17.16 -14.85 -0.55
N SER A 332 17.07 -15.48 0.61
CA SER A 332 17.88 -16.66 0.90
C SER A 332 17.65 -17.88 0.00
N PRO A 333 16.39 -18.31 -0.16
CA PRO A 333 16.16 -19.48 -1.03
C PRO A 333 16.83 -19.25 -2.38
N LEU A 334 16.55 -18.09 -2.97
CA LEU A 334 17.12 -17.70 -4.27
C LEU A 334 18.65 -17.68 -4.25
N PHE A 335 19.24 -17.09 -3.21
CA PHE A 335 20.70 -17.05 -3.12
C PHE A 335 21.25 -18.48 -3.09
N ALA A 336 20.67 -19.35 -2.26
CA ALA A 336 21.12 -20.72 -2.17
C ALA A 336 21.06 -21.42 -3.54
N LYS A 337 20.07 -21.07 -4.34
CA LYS A 337 19.92 -21.69 -5.63
C LYS A 337 20.94 -21.16 -6.63
N ASN A 338 21.32 -19.90 -6.48
CA ASN A 338 22.32 -19.33 -7.38
C ASN A 338 23.61 -20.14 -7.22
N LEU A 339 23.94 -20.46 -5.98
CA LEU A 339 25.13 -21.23 -5.66
C LEU A 339 25.01 -22.66 -6.15
N LEU A 340 23.81 -23.22 -6.01
CA LEU A 340 23.57 -24.59 -6.45
C LEU A 340 23.79 -24.64 -7.96
N ASN A 341 23.21 -23.68 -8.67
CA ASN A 341 23.34 -23.64 -10.12
C ASN A 341 24.78 -23.46 -10.58
N PHE A 342 25.59 -22.85 -9.74
CA PHE A 342 26.98 -22.60 -10.08
C PHE A 342 27.89 -23.78 -9.79
N LEU A 343 27.55 -24.55 -8.76
CA LEU A 343 28.34 -25.70 -8.34
C LEU A 343 27.93 -27.01 -9.03
N THR A 344 26.65 -27.35 -8.98
CA THR A 344 26.13 -28.59 -9.57
C THR A 344 26.78 -29.12 -10.87
N PRO A 345 27.12 -28.24 -11.82
CA PRO A 345 27.75 -28.68 -13.08
C PRO A 345 29.14 -29.30 -12.98
N HIS A 346 29.70 -29.40 -11.78
CA HIS A 346 31.05 -29.96 -11.61
C HIS A 346 31.17 -31.07 -10.56
N VAL A 347 30.06 -31.73 -10.24
CA VAL A 347 30.06 -32.82 -9.27
C VAL A 347 29.95 -34.15 -10.00
N ASP A 348 31.10 -34.70 -10.41
CA ASP A 348 31.14 -35.95 -11.16
C ASP A 348 30.34 -37.08 -10.52
N LYS A 349 29.14 -37.28 -11.07
CA LYS A 349 28.17 -38.30 -10.65
C LYS A 349 28.76 -39.64 -10.20
N ASP A 350 28.88 -40.56 -9.61
CA ASP A 350 29.18 -41.38 -8.44
C ASP A 350 30.70 -41.45 -8.27
N THR A 351 31.23 -40.52 -7.48
CA THR A 351 32.65 -40.42 -7.20
C THR A 351 32.78 -39.54 -5.96
N LYS A 352 31.81 -38.63 -5.82
CA LYS A 352 31.77 -37.70 -4.70
C LYS A 352 33.05 -36.88 -4.60
N THR A 353 33.33 -36.14 -5.68
CA THR A 353 34.52 -35.28 -5.75
C THR A 353 34.23 -34.09 -6.66
N LEU A 354 34.76 -32.93 -6.30
CA LEU A 354 34.56 -31.72 -7.08
C LEU A 354 35.76 -31.32 -7.94
N VAL A 355 35.46 -30.78 -9.11
CA VAL A 355 36.49 -30.32 -10.04
C VAL A 355 35.87 -29.16 -10.79
N MET A 356 36.46 -27.99 -10.67
CA MET A 356 35.94 -26.80 -11.34
C MET A 356 36.48 -26.68 -12.78
N LYS A 357 35.62 -27.02 -13.73
CA LYS A 357 35.88 -27.00 -15.18
C LYS A 357 37.08 -26.18 -15.69
N LEU A 358 37.01 -24.85 -15.59
N LEU A 358 37.37 -25.04 -15.05
CA LEU A 358 38.09 -23.98 -16.05
CA LEU A 358 38.49 -24.20 -15.46
C LEU A 358 38.39 -24.14 -17.54
C LEU A 358 38.28 -23.56 -16.84
N GLU A 359 37.97 -24.36 -17.85
CA GLU A 359 37.74 -23.84 -19.20
C GLU A 359 36.46 -23.01 -19.17
N ASP A 360 35.53 -23.43 -18.30
CA ASP A 360 34.25 -22.75 -18.14
C ASP A 360 34.45 -21.43 -17.41
N GLU A 361 34.28 -20.32 -18.13
CA GLU A 361 34.48 -18.99 -17.55
C GLU A 361 33.66 -18.71 -16.29
N THR A 362 32.72 -19.59 -15.98
CA THR A 362 31.90 -19.42 -14.79
C THR A 362 32.77 -19.69 -13.56
N VAL A 363 33.86 -20.43 -13.78
CA VAL A 363 34.79 -20.78 -12.69
C VAL A 363 36.01 -19.86 -12.70
N SER A 364 36.35 -19.37 -13.89
CA SER A 364 37.50 -18.49 -14.05
C SER A 364 37.19 -17.05 -13.63
N GLY A 365 36.08 -16.51 -14.13
CA GLY A 365 35.70 -15.15 -13.80
C GLY A 365 35.38 -14.99 -12.33
N THR A 366 35.34 -16.11 -11.60
CA THR A 366 34.99 -16.09 -10.18
C THR A 366 36.11 -16.43 -9.19
N CYS A 367 36.92 -17.44 -9.51
CA CYS A 367 37.99 -17.87 -8.63
C CYS A 367 39.05 -16.79 -8.37
N VAL A 368 39.10 -16.30 -7.14
CA VAL A 368 40.08 -15.28 -6.76
C VAL A 368 41.38 -15.93 -6.29
N THR A 369 41.24 -16.97 -5.48
CA THR A 369 42.39 -17.70 -4.95
C THR A 369 42.07 -19.18 -4.81
N ARG A 370 42.67 -20.01 -5.67
CA ARG A 370 42.46 -21.45 -5.61
C ARG A 370 43.70 -22.11 -5.04
N ASP A 371 44.24 -21.47 -4.01
CA ASP A 371 45.42 -21.95 -3.30
C ASP A 371 45.07 -23.29 -2.67
N MET B 1 -18.10 34.24 9.37
CA MET B 1 -17.54 34.96 10.54
C MET B 1 -16.06 34.61 10.66
N LYS B 2 -15.66 34.16 11.85
CA LYS B 2 -14.28 33.78 12.06
C LYS B 2 -14.22 32.28 12.42
N ILE B 3 -13.32 31.56 11.75
CA ILE B 3 -13.13 30.15 12.01
C ILE B 3 -11.63 29.91 12.15
N ALA B 4 -11.22 29.13 13.14
CA ALA B 4 -9.81 28.86 13.34
C ALA B 4 -9.45 27.38 13.46
N ILE B 5 -8.27 27.02 12.96
CA ILE B 5 -7.80 25.64 13.02
C ILE B 5 -6.50 25.60 13.81
N PRO B 6 -6.52 24.98 15.00
CA PRO B 6 -5.32 24.88 15.83
C PRO B 6 -4.48 23.69 15.40
N LYS B 7 -3.31 23.52 16.01
CA LYS B 7 -2.47 22.38 15.71
C LYS B 7 -2.91 21.28 16.67
N GLU B 8 -2.84 20.04 16.22
CA GLU B 8 -3.25 18.93 17.08
C GLU B 8 -2.23 18.71 18.19
N ARG B 9 -2.69 18.70 19.44
CA ARG B 9 -1.77 18.55 20.57
C ARG B 9 -1.54 17.14 21.07
N ARG B 10 -2.54 16.26 20.97
CA ARG B 10 -2.35 14.89 21.44
C ARG B 10 -1.11 14.30 20.78
N PRO B 11 -0.32 13.53 21.54
CA PRO B 11 0.90 12.91 21.01
C PRO B 11 0.66 12.05 19.77
N GLY B 12 1.53 12.16 18.77
CA GLY B 12 1.40 11.36 17.56
C GLY B 12 0.36 11.76 16.54
N GLU B 13 -0.51 12.72 16.86
CA GLU B 13 -1.51 13.14 15.91
C GLU B 13 -0.87 14.09 14.90
N ASP B 14 -0.59 13.58 13.71
CA ASP B 14 0.01 14.43 12.68
C ASP B 14 -1.00 15.17 11.81
N ARG B 15 -2.25 14.71 11.83
CA ARG B 15 -3.29 15.32 11.01
C ARG B 15 -3.58 16.76 11.41
N VAL B 16 -4.37 17.45 10.57
CA VAL B 16 -4.76 18.82 10.86
C VAL B 16 -6.14 18.96 10.18
N ALA B 17 -7.03 19.71 10.81
CA ALA B 17 -8.40 19.88 10.30
C ALA B 17 -8.57 21.00 9.27
N ILE B 18 -7.74 20.99 8.24
CA ILE B 18 -7.89 22.01 7.22
C ILE B 18 -7.09 21.63 5.98
N SER B 19 -7.32 22.36 4.89
CA SER B 19 -6.57 22.13 3.67
C SER B 19 -6.65 23.37 2.81
N PRO B 20 -5.67 23.54 1.90
CA PRO B 20 -5.65 24.69 1.01
C PRO B 20 -6.97 24.76 0.25
N GLU B 21 -7.36 23.63 -0.33
CA GLU B 21 -8.61 23.55 -1.08
C GLU B 21 -9.83 23.95 -0.26
N VAL B 22 -9.83 23.63 1.04
CA VAL B 22 -10.97 23.95 1.88
C VAL B 22 -11.00 25.41 2.35
N VAL B 23 -9.83 26.01 2.53
CA VAL B 23 -9.81 27.41 2.95
C VAL B 23 -10.51 28.29 1.89
N LYS B 24 -10.15 28.06 0.62
CA LYS B 24 -10.73 28.80 -0.50
C LYS B 24 -12.25 28.75 -0.46
N LYS B 25 -12.78 27.62 0.02
CA LYS B 25 -14.22 27.43 0.12
C LYS B 25 -14.77 28.20 1.30
N LEU B 26 -14.10 28.08 2.43
CA LEU B 26 -14.53 28.77 3.64
C LEU B 26 -14.56 30.28 3.43
N VAL B 27 -13.56 30.80 2.71
CA VAL B 27 -13.52 32.23 2.41
C VAL B 27 -14.72 32.52 1.53
N GLY B 28 -14.81 31.78 0.43
CA GLY B 28 -15.93 31.94 -0.50
C GLY B 28 -17.30 31.86 0.15
N LEU B 29 -17.39 31.20 1.31
CA LEU B 29 -18.65 31.09 2.04
C LEU B 29 -18.86 32.27 2.99
N GLY B 30 -17.84 33.14 3.10
CA GLY B 30 -17.95 34.31 3.95
C GLY B 30 -17.03 34.38 5.17
N PHE B 31 -16.38 33.27 5.50
CA PHE B 31 -15.50 33.23 6.66
C PHE B 31 -14.12 33.85 6.48
N GLU B 32 -13.52 34.17 7.63
CA GLU B 32 -12.19 34.72 7.73
C GLU B 32 -11.53 33.50 8.35
N VAL B 33 -10.60 32.86 7.66
CA VAL B 33 -9.98 31.66 8.20
C VAL B 33 -8.63 31.90 8.83
N ILE B 34 -8.49 31.42 10.07
CA ILE B 34 -7.24 31.55 10.81
C ILE B 34 -6.79 30.16 11.20
N VAL B 35 -5.49 29.89 11.08
CA VAL B 35 -4.93 28.61 11.48
C VAL B 35 -3.57 28.78 12.16
N GLU B 36 -3.38 28.08 13.27
CA GLU B 36 -2.15 28.14 14.04
C GLU B 36 -0.96 27.80 13.15
N GLN B 37 0.22 28.33 13.50
CA GLN B 37 1.40 28.09 12.71
C GLN B 37 1.89 26.70 12.96
N GLY B 38 2.45 26.07 11.92
CA GLY B 38 2.96 24.72 12.05
C GLY B 38 1.86 23.70 12.25
N ALA B 39 0.62 24.10 12.00
CA ALA B 39 -0.52 23.22 12.17
C ALA B 39 -0.63 22.08 11.15
N GLY B 40 -0.29 22.37 9.89
CA GLY B 40 -0.38 21.36 8.86
C GLY B 40 0.95 20.73 8.52
N VAL B 41 1.98 21.02 9.31
CA VAL B 41 3.30 20.47 9.05
C VAL B 41 3.31 18.94 8.92
N GLY B 42 2.81 18.23 9.93
CA GLY B 42 2.78 16.78 9.87
C GLY B 42 1.96 16.26 8.70
N ALA B 43 1.16 17.14 8.11
CA ALA B 43 0.31 16.79 6.98
C ALA B 43 0.86 17.34 5.65
N SER B 44 2.07 17.89 5.68
CA SER B 44 2.71 18.45 4.50
C SER B 44 1.95 19.63 3.94
N ILE B 45 1.27 20.36 4.82
CA ILE B 45 0.52 21.55 4.42
C ILE B 45 1.20 22.71 5.13
N THR B 46 2.06 23.42 4.39
CA THR B 46 2.81 24.52 4.98
C THR B 46 1.97 25.78 5.17
N ASP B 47 2.47 26.68 6.01
CA ASP B 47 1.76 27.93 6.28
C ASP B 47 1.65 28.74 5.01
N ASP B 48 2.75 28.84 4.27
CA ASP B 48 2.79 29.60 3.03
C ASP B 48 1.73 28.99 2.12
N ALA B 49 1.82 27.67 1.99
CA ALA B 49 0.89 26.92 1.16
C ALA B 49 -0.53 27.23 1.61
N LEU B 50 -0.70 27.49 2.91
CA LEU B 50 -2.00 27.77 3.48
C LEU B 50 -2.42 29.23 3.28
N THR B 51 -1.51 30.16 3.56
CA THR B 51 -1.77 31.58 3.39
C THR B 51 -2.21 31.85 1.96
N ALA B 52 -1.48 31.24 1.02
CA ALA B 52 -1.77 31.38 -0.41
C ALA B 52 -3.22 31.08 -0.75
N ALA B 53 -3.93 30.44 0.15
CA ALA B 53 -5.33 30.07 -0.07
C ALA B 53 -6.32 31.07 0.52
N GLY B 54 -5.82 32.00 1.34
CA GLY B 54 -6.69 32.98 1.94
C GLY B 54 -6.65 32.93 3.45
N ALA B 55 -5.82 32.06 3.98
CA ALA B 55 -5.74 31.92 5.43
C ALA B 55 -4.72 32.84 6.08
N THR B 56 -5.01 33.27 7.31
CA THR B 56 -4.11 34.11 8.10
C THR B 56 -3.38 33.11 8.99
N ILE B 57 -2.19 33.45 9.48
CA ILE B 57 -1.45 32.52 10.33
C ILE B 57 -1.17 33.02 11.73
N ALA B 58 -2.05 32.70 12.68
CA ALA B 58 -1.84 33.10 14.06
C ALA B 58 -0.59 32.38 14.54
N SER B 59 0.14 32.97 15.50
CA SER B 59 1.39 32.38 16.00
C SER B 59 1.25 31.33 17.11
N THR B 60 0.21 31.44 17.93
CA THR B 60 -0.03 30.49 19.01
C THR B 60 -1.46 30.00 18.94
N ALA B 61 -1.74 28.89 19.61
CA ALA B 61 -3.08 28.34 19.63
C ALA B 61 -4.05 29.34 20.24
N ALA B 62 -3.65 29.95 21.34
CA ALA B 62 -4.50 30.91 22.01
C ALA B 62 -4.91 32.03 21.06
N GLN B 63 -3.94 32.61 20.37
CA GLN B 63 -4.21 33.70 19.45
C GLN B 63 -5.08 33.24 18.28
N ALA B 64 -5.00 31.96 17.97
CA ALA B 64 -5.78 31.42 16.87
C ALA B 64 -7.23 31.28 17.28
N LEU B 65 -7.46 30.76 18.48
CA LEU B 65 -8.81 30.52 18.97
C LEU B 65 -9.48 31.71 19.58
N SER B 66 -8.70 32.50 20.30
CA SER B 66 -9.16 33.71 20.99
C SER B 66 -10.58 34.18 20.65
N GLN B 67 -10.76 34.73 19.45
CA GLN B 67 -12.06 35.24 19.04
C GLN B 67 -12.65 34.51 17.81
N ALA B 68 -12.53 33.19 17.78
CA ALA B 68 -13.08 32.43 16.66
C ALA B 68 -14.53 32.00 16.94
N ASP B 69 -15.40 32.15 15.95
CA ASP B 69 -16.82 31.80 16.10
C ASP B 69 -17.08 30.32 15.88
N VAL B 70 -16.23 29.70 15.08
CA VAL B 70 -16.34 28.29 14.81
C VAL B 70 -14.93 27.77 14.99
N VAL B 71 -14.80 26.57 15.54
CA VAL B 71 -13.50 25.94 15.74
C VAL B 71 -13.50 24.55 15.13
N TRP B 72 -12.42 24.19 14.44
CA TRP B 72 -12.29 22.89 13.82
C TRP B 72 -11.05 22.16 14.35
N LYS B 73 -11.23 20.93 14.81
CA LYS B 73 -10.14 20.10 15.33
C LYS B 73 -10.35 18.67 14.85
N VAL B 74 -9.34 17.82 14.96
CA VAL B 74 -9.57 16.43 14.56
C VAL B 74 -9.94 15.62 15.81
N GLN B 75 -9.04 15.58 16.80
CA GLN B 75 -9.30 14.86 18.04
C GLN B 75 -9.90 15.83 19.04
N ARG B 76 -10.57 15.32 20.07
CA ARG B 76 -11.19 16.21 21.02
C ARG B 76 -10.19 17.11 21.74
N PRO B 77 -10.63 18.30 22.13
CA PRO B 77 -9.73 19.21 22.85
C PRO B 77 -9.40 18.67 24.23
N MET B 78 -8.19 18.95 24.69
CA MET B 78 -7.74 18.50 26.00
C MET B 78 -8.34 19.36 27.12
N THR B 79 -8.54 18.75 28.29
CA THR B 79 -9.09 19.48 29.42
C THR B 79 -7.99 19.77 30.43
N ALA B 80 -8.34 20.54 31.46
CA ALA B 80 -7.39 20.86 32.53
C ALA B 80 -7.00 19.56 33.23
N GLU B 81 -7.96 18.67 33.39
CA GLU B 81 -7.72 17.39 34.04
C GLU B 81 -6.68 16.50 33.31
N GLU B 82 -6.31 16.89 32.10
CA GLU B 82 -5.34 16.13 31.30
C GLU B 82 -4.03 16.88 31.20
N GLY B 83 -3.96 18.00 31.90
CA GLY B 83 -2.74 18.79 31.88
C GLY B 83 -2.76 20.01 31.00
N THR B 84 -3.72 20.09 30.07
CA THR B 84 -3.80 21.25 29.17
C THR B 84 -5.24 21.62 28.85
N ASP B 85 -5.66 22.79 29.31
CA ASP B 85 -7.02 23.27 29.10
C ASP B 85 -7.16 23.92 27.71
N GLU B 86 -7.58 23.15 26.70
CA GLU B 86 -7.76 23.69 25.34
C GLU B 86 -9.14 24.21 25.16
N VAL B 87 -10.09 23.70 25.93
CA VAL B 87 -11.45 24.16 25.81
C VAL B 87 -11.52 25.54 26.43
N ALA B 88 -10.49 25.89 27.22
CA ALA B 88 -10.41 27.21 27.86
C ALA B 88 -10.04 28.26 26.81
N LEU B 89 -9.30 27.83 25.79
CA LEU B 89 -8.89 28.70 24.70
C LEU B 89 -10.07 29.06 23.80
N ILE B 90 -11.01 28.12 23.64
CA ILE B 90 -12.16 28.37 22.78
C ILE B 90 -13.07 29.44 23.35
N LYS B 91 -13.41 30.43 22.53
CA LYS B 91 -14.29 31.52 22.96
C LYS B 91 -15.63 31.02 23.48
N GLU B 92 -16.14 31.66 24.52
CA GLU B 92 -17.42 31.28 25.10
C GLU B 92 -18.53 31.43 24.07
N GLY B 93 -19.42 30.44 23.99
CA GLY B 93 -20.52 30.50 23.05
C GLY B 93 -20.17 30.14 21.61
N ALA B 94 -18.90 29.78 21.39
CA ALA B 94 -18.45 29.43 20.04
C ALA B 94 -19.01 28.08 19.60
N VAL B 95 -18.61 27.63 18.43
CA VAL B 95 -19.06 26.34 17.90
C VAL B 95 -17.83 25.46 17.65
N LEU B 96 -17.87 24.24 18.16
CA LEU B 96 -16.76 23.33 17.96
C LEU B 96 -17.20 22.13 17.14
N MET B 97 -16.34 21.74 16.21
CA MET B 97 -16.57 20.59 15.34
C MET B 97 -15.29 19.77 15.33
N CYS B 98 -15.41 18.48 15.60
CA CYS B 98 -14.24 17.61 15.64
C CYS B 98 -14.71 16.21 15.98
N HIS B 99 -13.75 15.29 16.08
CA HIS B 99 -14.03 13.91 16.48
C HIS B 99 -13.98 13.98 18.02
N LEU B 100 -15.12 14.24 18.64
CA LEU B 100 -15.20 14.38 20.09
C LEU B 100 -15.04 13.14 20.95
N GLY B 101 -15.64 12.04 20.53
CA GLY B 101 -15.59 10.84 21.34
C GLY B 101 -16.54 11.12 22.49
N ALA B 102 -17.61 11.86 22.19
CA ALA B 102 -18.62 12.26 23.16
C ALA B 102 -19.18 11.14 24.03
N LEU B 103 -19.87 10.20 23.39
CA LEU B 103 -20.45 9.08 24.11
C LEU B 103 -19.48 8.36 25.03
N THR B 104 -18.19 8.62 24.89
CA THR B 104 -17.21 7.93 25.73
C THR B 104 -16.29 8.87 26.52
N ASN B 105 -16.54 10.18 26.43
CA ASN B 105 -15.72 11.17 27.12
C ASN B 105 -16.57 12.29 27.71
N ARG B 106 -17.46 11.95 28.64
CA ARG B 106 -18.35 12.93 29.26
C ARG B 106 -17.62 14.15 29.83
N PRO B 107 -16.40 13.95 30.34
CA PRO B 107 -15.67 15.09 30.89
C PRO B 107 -15.45 16.25 29.92
N VAL B 108 -14.97 15.94 28.71
CA VAL B 108 -14.72 17.00 27.73
C VAL B 108 -16.03 17.71 27.41
N VAL B 109 -17.10 16.94 27.31
CA VAL B 109 -18.41 17.50 27.02
C VAL B 109 -18.87 18.44 28.12
N GLU B 110 -18.45 18.16 29.35
CA GLU B 110 -18.82 19.01 30.48
C GLU B 110 -17.99 20.28 30.38
N ALA B 111 -16.69 20.11 30.13
CA ALA B 111 -15.78 21.24 29.98
C ALA B 111 -16.34 22.23 28.97
N LEU B 112 -16.80 21.71 27.83
CA LEU B 112 -17.37 22.52 26.77
C LEU B 112 -18.67 23.18 27.19
N THR B 113 -19.48 22.47 27.97
CA THR B 113 -20.76 22.99 28.45
C THR B 113 -20.58 24.16 29.39
N LYS B 114 -19.51 24.15 30.18
CA LYS B 114 -19.27 25.23 31.13
C LYS B 114 -18.96 26.53 30.42
N ARG B 115 -18.46 26.44 29.20
CA ARG B 115 -18.15 27.65 28.44
C ARG B 115 -19.21 27.94 27.38
N LYS B 116 -20.39 27.33 27.53
CA LYS B 116 -21.51 27.49 26.60
C LYS B 116 -21.13 27.32 25.13
N ILE B 117 -20.34 26.27 24.87
CA ILE B 117 -19.89 25.95 23.52
C ILE B 117 -20.80 24.93 22.84
N THR B 118 -21.26 25.23 21.64
CA THR B 118 -22.08 24.28 20.91
C THR B 118 -21.08 23.30 20.27
N ALA B 119 -21.17 22.03 20.63
CA ALA B 119 -20.24 21.04 20.06
C ALA B 119 -20.91 19.96 19.22
N TYR B 120 -20.42 19.79 17.98
CA TYR B 120 -20.96 18.80 17.07
C TYR B 120 -19.93 17.68 16.96
N ALA B 121 -20.31 16.50 17.45
CA ALA B 121 -19.43 15.35 17.42
C ALA B 121 -19.60 14.61 16.11
N MET B 122 -18.64 14.84 15.22
CA MET B 122 -18.58 14.26 13.88
C MET B 122 -18.73 12.74 13.83
N GLU B 123 -18.23 12.04 14.84
CA GLU B 123 -18.30 10.58 14.88
C GLU B 123 -19.73 10.05 15.00
N LEU B 124 -20.66 10.92 15.38
CA LEU B 124 -22.07 10.58 15.54
C LEU B 124 -22.91 10.89 14.30
N MET B 125 -22.27 11.18 13.18
CA MET B 125 -22.98 11.48 11.94
C MET B 125 -24.02 10.36 11.68
N PRO B 126 -25.23 10.74 11.23
CA PRO B 126 -26.28 9.75 10.95
C PRO B 126 -25.84 8.94 9.74
N ARG B 127 -26.13 7.64 9.75
CA ARG B 127 -25.76 6.79 8.61
C ARG B 127 -26.81 6.91 7.53
N ILE B 128 -26.76 8.01 6.78
CA ILE B 128 -27.71 8.24 5.71
C ILE B 128 -26.99 8.61 4.42
N SER B 129 -27.52 8.13 3.30
CA SER B 129 -26.92 8.39 2.00
C SER B 129 -26.44 9.82 1.75
N ARG B 130 -27.15 10.82 2.29
CA ARG B 130 -26.76 12.21 2.05
C ARG B 130 -25.64 12.72 2.95
N ALA B 131 -25.23 11.91 3.92
CA ALA B 131 -24.16 12.32 4.82
C ALA B 131 -22.89 11.51 4.59
N GLN B 132 -22.85 10.77 3.49
CA GLN B 132 -21.67 9.97 3.18
C GLN B 132 -20.48 10.90 3.01
N SER B 133 -20.70 12.10 2.50
CA SER B 133 -19.59 13.04 2.30
C SER B 133 -19.23 13.75 3.61
N MET B 134 -20.04 13.51 4.65
CA MET B 134 -19.83 14.12 5.97
C MET B 134 -19.41 13.06 6.99
N ASP B 135 -18.94 11.92 6.51
CA ASP B 135 -18.58 10.84 7.40
C ASP B 135 -17.08 10.68 7.53
N ILE B 136 -16.58 11.02 8.71
CA ILE B 136 -15.15 10.92 8.98
C ILE B 136 -14.79 9.49 9.36
N LEU B 137 -15.78 8.75 9.83
CA LEU B 137 -15.57 7.37 10.23
C LEU B 137 -15.06 6.56 9.04
N SER B 138 -15.65 6.75 7.87
CA SER B 138 -15.18 5.97 6.74
C SER B 138 -13.97 6.55 6.00
N SER B 139 -13.85 7.87 5.92
CA SER B 139 -12.70 8.39 5.19
C SER B 139 -11.38 8.03 5.85
N GLN B 140 -11.36 8.03 7.19
CA GLN B 140 -10.14 7.69 7.94
C GLN B 140 -9.88 6.20 8.00
N SER B 141 -10.94 5.43 8.29
CA SER B 141 -10.83 3.98 8.38
C SER B 141 -10.35 3.40 7.06
N ASN B 142 -10.81 4.03 5.98
CA ASN B 142 -10.45 3.60 4.66
C ASN B 142 -8.94 3.72 4.47
N LEU B 143 -8.37 4.83 4.92
CA LEU B 143 -6.94 4.99 4.77
C LEU B 143 -6.22 4.03 5.69
N ALA B 144 -6.82 3.73 6.84
CA ALA B 144 -6.21 2.80 7.79
C ALA B 144 -6.14 1.38 7.22
N GLY B 145 -7.17 1.01 6.48
CA GLY B 145 -7.17 -0.32 5.87
C GLY B 145 -6.01 -0.34 4.88
N TYR B 146 -5.82 0.76 4.18
CA TYR B 146 -4.74 0.86 3.23
C TYR B 146 -3.42 0.72 3.98
N ARG B 147 -3.22 1.58 5.00
CA ARG B 147 -1.97 1.54 5.76
C ARG B 147 -1.71 0.25 6.51
N ALA B 148 -2.75 -0.47 6.92
CA ALA B 148 -2.52 -1.73 7.61
C ALA B 148 -1.70 -2.66 6.72
N VAL B 149 -2.02 -2.64 5.42
CA VAL B 149 -1.31 -3.51 4.49
C VAL B 149 0.13 -3.05 4.31
N ILE B 150 0.33 -1.74 4.14
CA ILE B 150 1.65 -1.17 3.98
C ILE B 150 2.55 -1.48 5.18
N ASP B 151 2.01 -1.39 6.39
CA ASP B 151 2.82 -1.70 7.55
C ASP B 151 3.13 -3.20 7.52
N GLY B 152 2.13 -4.02 7.27
CA GLY B 152 2.37 -5.46 7.22
C GLY B 152 3.42 -5.84 6.19
N ALA B 153 3.40 -5.17 5.03
CA ALA B 153 4.38 -5.45 3.98
C ALA B 153 5.75 -5.07 4.53
N TYR B 154 5.83 -3.87 5.09
CA TYR B 154 7.06 -3.37 5.68
C TYR B 154 7.66 -4.33 6.71
N GLU B 155 6.82 -4.92 7.56
CA GLU B 155 7.31 -5.83 8.59
C GLU B 155 7.58 -7.25 8.13
N PHE B 156 6.98 -7.66 7.01
CA PHE B 156 7.15 -9.03 6.49
C PHE B 156 8.47 -9.23 5.76
N ALA B 157 9.14 -10.35 6.03
CA ALA B 157 10.43 -10.66 5.42
C ALA B 157 10.35 -11.27 4.01
N ARG B 158 9.17 -11.28 3.41
CA ARG B 158 9.01 -11.81 2.05
C ARG B 158 8.23 -10.79 1.22
N ALA B 159 8.28 -10.91 -0.10
CA ALA B 159 7.56 -9.98 -0.98
C ALA B 159 6.13 -10.46 -1.14
N PHE B 160 5.20 -9.54 -1.37
CA PHE B 160 3.80 -9.92 -1.53
C PHE B 160 3.50 -10.76 -2.78
N PRO B 161 3.93 -10.29 -3.97
CA PRO B 161 3.66 -11.03 -5.21
C PRO B 161 4.55 -12.23 -5.47
N MET B 162 4.00 -13.22 -6.18
CA MET B 162 4.76 -14.39 -6.56
C MET B 162 5.74 -13.94 -7.65
N MET B 163 6.97 -14.44 -7.62
CA MET B 163 7.96 -14.07 -8.63
C MET B 163 8.62 -15.31 -9.22
N MET B 164 8.67 -15.36 -10.55
CA MET B 164 9.27 -16.46 -11.26
C MET B 164 10.57 -15.94 -11.82
N THR B 165 11.68 -16.39 -11.25
CA THR B 165 12.99 -15.92 -11.67
C THR B 165 13.84 -17.04 -12.28
N ALA B 166 14.96 -16.64 -12.85
CA ALA B 166 15.90 -17.58 -13.45
C ALA B 166 16.49 -18.48 -12.35
N ALA B 167 16.54 -17.93 -11.14
CA ALA B 167 17.11 -18.63 -10.00
C ALA B 167 16.08 -19.39 -9.20
N GLY B 168 14.81 -19.23 -9.55
CA GLY B 168 13.79 -19.95 -8.82
C GLY B 168 12.51 -19.18 -8.67
N THR B 169 11.55 -19.81 -8.02
CA THR B 169 10.26 -19.19 -7.84
C THR B 169 9.95 -18.96 -6.37
N VAL B 170 9.36 -17.82 -6.05
CA VAL B 170 8.98 -17.52 -4.68
C VAL B 170 7.46 -17.33 -4.66
N PRO B 171 6.76 -18.13 -3.84
CA PRO B 171 5.31 -18.07 -3.74
C PRO B 171 4.80 -16.73 -3.22
N PRO B 172 3.54 -16.41 -3.51
CA PRO B 172 2.99 -15.13 -3.03
C PRO B 172 2.83 -15.18 -1.52
N ALA B 173 2.45 -14.07 -0.92
CA ALA B 173 2.26 -14.02 0.53
C ALA B 173 0.79 -14.28 0.75
N ARG B 174 0.44 -14.86 1.88
CA ARG B 174 -0.96 -15.16 2.17
C ARG B 174 -1.48 -14.23 3.26
N VAL B 175 -2.49 -13.45 2.91
CA VAL B 175 -3.09 -12.52 3.86
C VAL B 175 -4.49 -12.94 4.29
N LEU B 176 -4.76 -12.82 5.59
CA LEU B 176 -6.07 -13.16 6.12
C LEU B 176 -6.55 -11.92 6.84
N VAL B 177 -7.68 -11.40 6.39
CA VAL B 177 -8.26 -10.19 6.98
C VAL B 177 -9.47 -10.56 7.81
N PHE B 178 -9.44 -10.17 9.08
CA PHE B 178 -10.55 -10.44 9.99
C PHE B 178 -11.40 -9.18 10.14
N GLY B 179 -12.65 -9.23 9.73
CA GLY B 179 -13.52 -8.08 9.85
C GLY B 179 -13.58 -7.36 8.52
N VAL B 180 -14.78 -7.28 7.96
CA VAL B 180 -14.93 -6.66 6.67
C VAL B 180 -15.78 -5.40 6.63
N GLY B 181 -15.27 -4.34 7.25
CA GLY B 181 -15.95 -3.06 7.22
C GLY B 181 -15.21 -2.24 6.17
N VAL B 182 -15.24 -0.92 6.28
CA VAL B 182 -14.54 -0.11 5.29
C VAL B 182 -13.06 -0.44 5.32
N ALA B 183 -12.44 -0.36 6.50
CA ALA B 183 -11.02 -0.66 6.64
C ALA B 183 -10.60 -2.01 6.05
N GLY B 184 -11.24 -3.07 6.52
CA GLY B 184 -10.89 -4.40 6.05
C GLY B 184 -11.02 -4.55 4.56
N LEU B 185 -12.03 -3.91 3.99
CA LEU B 185 -12.21 -4.01 2.56
C LEU B 185 -11.05 -3.38 1.78
N GLN B 186 -10.58 -2.23 2.24
CA GLN B 186 -9.48 -1.58 1.54
C GLN B 186 -8.18 -2.34 1.73
N ALA B 187 -8.11 -3.12 2.81
CA ALA B 187 -6.94 -3.95 3.09
C ALA B 187 -6.90 -5.10 2.08
N ILE B 188 -8.08 -5.68 1.79
CA ILE B 188 -8.17 -6.78 0.85
C ILE B 188 -7.68 -6.31 -0.52
N ALA B 189 -8.23 -5.18 -0.93
CA ALA B 189 -7.90 -4.58 -2.22
C ALA B 189 -6.41 -4.25 -2.33
N THR B 190 -5.83 -3.71 -1.26
CA THR B 190 -4.42 -3.35 -1.28
C THR B 190 -3.52 -4.58 -1.25
N ALA B 191 -3.97 -5.63 -0.56
CA ALA B 191 -3.18 -6.85 -0.48
C ALA B 191 -3.31 -7.61 -1.78
N LYS B 192 -4.48 -7.54 -2.42
CA LYS B 192 -4.61 -8.26 -3.65
C LYS B 192 -3.90 -7.60 -4.84
N ARG B 193 -3.85 -6.28 -4.87
CA ARG B 193 -3.18 -5.61 -5.98
C ARG B 193 -1.67 -5.83 -5.82
N LEU B 194 -1.24 -6.00 -4.58
CA LEU B 194 0.17 -6.23 -4.33
C LEU B 194 0.56 -7.64 -4.71
N GLY B 195 -0.44 -8.44 -5.06
CA GLY B 195 -0.19 -9.81 -5.50
C GLY B 195 -0.31 -10.96 -4.50
N ALA B 196 -0.96 -10.75 -3.37
CA ALA B 196 -1.08 -11.81 -2.39
C ALA B 196 -2.36 -12.61 -2.52
N VAL B 197 -2.37 -13.80 -1.93
CA VAL B 197 -3.58 -14.61 -1.92
C VAL B 197 -4.30 -14.07 -0.67
N VAL B 198 -5.50 -13.55 -0.85
CA VAL B 198 -6.21 -12.95 0.26
C VAL B 198 -7.44 -13.72 0.68
N MET B 199 -7.49 -14.05 1.96
CA MET B 199 -8.62 -14.76 2.55
C MET B 199 -9.24 -13.78 3.55
N ALA B 200 -10.54 -13.87 3.79
CA ALA B 200 -11.17 -12.97 4.77
C ALA B 200 -12.27 -13.69 5.55
N THR B 201 -12.64 -13.11 6.69
CA THR B 201 -13.69 -13.69 7.50
C THR B 201 -14.36 -12.67 8.42
N ASP B 202 -15.68 -12.58 8.32
CA ASP B 202 -16.45 -11.66 9.14
C ASP B 202 -17.74 -12.37 9.57
N VAL B 203 -18.34 -11.95 10.69
CA VAL B 203 -19.57 -12.56 11.19
C VAL B 203 -20.79 -12.27 10.32
N ARG B 204 -20.94 -11.02 9.89
CA ARG B 204 -22.06 -10.63 9.05
C ARG B 204 -22.07 -11.46 7.76
N ALA B 205 -23.08 -12.32 7.65
CA ALA B 205 -23.26 -13.20 6.50
C ALA B 205 -23.08 -12.51 5.14
N ALA B 206 -23.84 -11.44 4.91
CA ALA B 206 -23.78 -10.69 3.65
C ALA B 206 -22.37 -10.30 3.20
N THR B 207 -21.38 -10.54 4.04
CA THR B 207 -20.00 -10.19 3.71
C THR B 207 -19.39 -10.96 2.54
N LYS B 208 -19.50 -12.28 2.57
CA LYS B 208 -18.94 -13.12 1.52
C LYS B 208 -19.00 -12.51 0.13
N GLU B 209 -20.10 -11.84 -0.19
CA GLU B 209 -20.21 -11.27 -1.53
C GLU B 209 -19.29 -10.06 -1.70
N GLN B 210 -19.21 -9.21 -0.67
CA GLN B 210 -18.34 -8.04 -0.72
C GLN B 210 -16.90 -8.49 -0.91
N VAL B 211 -16.47 -9.45 -0.11
CA VAL B 211 -15.13 -10.00 -0.17
C VAL B 211 -14.76 -10.55 -1.56
N GLU B 212 -15.72 -11.18 -2.22
CA GLU B 212 -15.45 -11.74 -3.54
C GLU B 212 -15.47 -10.63 -4.57
N SER B 213 -16.15 -9.53 -4.27
CA SER B 213 -16.20 -8.42 -5.22
C SER B 213 -14.87 -7.69 -5.24
N LEU B 214 -13.91 -8.20 -4.48
CA LEU B 214 -12.57 -7.63 -4.41
C LEU B 214 -11.52 -8.72 -4.66
N GLY B 215 -11.96 -9.83 -5.23
CA GLY B 215 -11.03 -10.89 -5.53
C GLY B 215 -10.63 -11.69 -4.31
N GLY B 216 -11.28 -11.42 -3.19
CA GLY B 216 -10.97 -12.15 -1.98
C GLY B 216 -11.64 -13.52 -1.99
N LYS B 217 -11.31 -14.33 -1.00
CA LYS B 217 -11.92 -15.64 -0.89
C LYS B 217 -12.47 -15.71 0.52
N PHE B 218 -13.78 -15.93 0.62
CA PHE B 218 -14.42 -15.99 1.92
C PHE B 218 -14.23 -17.34 2.57
N ILE B 219 -14.02 -17.33 3.88
CA ILE B 219 -13.81 -18.54 4.65
C ILE B 219 -15.13 -19.08 5.15
N THR B 220 -15.64 -20.11 4.46
CA THR B 220 -16.90 -20.72 4.83
C THR B 220 -16.74 -22.23 5.00
N VAL B 221 -17.41 -22.78 6.01
CA VAL B 221 -17.36 -24.21 6.28
C VAL B 221 -18.12 -24.92 5.16
N ASP B 222 -17.65 -26.11 4.79
CA ASP B 222 -18.30 -26.88 3.73
C ASP B 222 -18.82 -28.24 4.18
N ASP B 223 -19.23 -28.31 5.44
CA ASP B 223 -19.78 -29.54 6.01
C ASP B 223 -21.03 -29.86 5.19
N GLU B 224 -21.51 -28.84 4.47
CA GLU B 224 -22.66 -28.94 3.59
C GLU B 224 -22.66 -27.71 2.66
N ALA B 225 -23.79 -26.99 2.60
CA ALA B 225 -23.89 -25.81 1.75
C ALA B 225 -24.45 -24.62 2.53
N MET B 226 -24.38 -23.43 1.94
CA MET B 226 -24.88 -22.20 2.57
C MET B 226 -26.24 -22.42 3.24
N GLU B 242 -25.86 -28.70 15.59
CA GLU B 242 -26.51 -27.69 16.42
C GLU B 242 -25.50 -26.58 16.80
N PHE B 243 -24.24 -26.96 16.97
CA PHE B 243 -23.17 -26.02 17.34
C PHE B 243 -22.22 -25.79 16.17
N ARG B 244 -22.42 -24.68 15.46
CA ARG B 244 -21.60 -24.32 14.32
C ARG B 244 -20.34 -23.59 14.78
N LYS B 245 -20.16 -23.48 16.08
CA LYS B 245 -18.99 -22.80 16.63
C LYS B 245 -17.71 -23.51 16.22
N LYS B 246 -17.83 -24.47 15.30
CA LYS B 246 -16.69 -25.22 14.81
C LYS B 246 -16.27 -24.70 13.43
N GLN B 247 -16.71 -23.49 13.10
CA GLN B 247 -16.34 -22.87 11.83
C GLN B 247 -14.95 -22.33 12.06
N ALA B 248 -14.66 -22.01 13.32
CA ALA B 248 -13.37 -21.50 13.74
C ALA B 248 -12.29 -22.53 13.48
N GLU B 249 -12.67 -23.64 12.85
CA GLU B 249 -11.72 -24.69 12.53
C GLU B 249 -11.25 -24.39 11.11
N ALA B 250 -12.14 -23.78 10.34
CA ALA B 250 -11.84 -23.40 8.97
C ALA B 250 -11.02 -22.11 9.04
N VAL B 251 -11.28 -21.32 10.07
CA VAL B 251 -10.57 -20.07 10.28
C VAL B 251 -9.17 -20.35 10.79
N LEU B 252 -9.02 -21.46 11.52
CA LEU B 252 -7.73 -21.84 12.07
C LEU B 252 -6.95 -22.55 10.98
N LYS B 253 -7.67 -23.22 10.09
CA LYS B 253 -7.02 -23.94 9.00
C LYS B 253 -6.22 -22.94 8.18
N GLU B 254 -6.84 -21.81 7.87
CA GLU B 254 -6.18 -20.77 7.09
C GLU B 254 -5.10 -20.08 7.88
N LEU B 255 -5.42 -19.71 9.11
CA LEU B 255 -4.45 -19.01 9.95
C LEU B 255 -3.11 -19.72 9.98
N VAL B 256 -3.15 -21.05 10.05
CA VAL B 256 -1.92 -21.85 10.10
C VAL B 256 -1.06 -21.69 8.84
N LYS B 257 -1.70 -21.23 7.76
CA LYS B 257 -0.99 -21.03 6.49
C LYS B 257 -0.78 -19.56 6.15
N THR B 258 -1.31 -18.67 6.98
CA THR B 258 -1.21 -17.23 6.77
C THR B 258 0.15 -16.60 7.09
N ASP B 259 0.51 -15.59 6.29
CA ASP B 259 1.75 -14.84 6.51
C ASP B 259 1.43 -13.53 7.23
N ILE B 260 0.36 -12.90 6.81
CA ILE B 260 -0.04 -11.67 7.44
C ILE B 260 -1.52 -11.70 7.73
N ALA B 261 -1.84 -11.46 9.00
CA ALA B 261 -3.20 -11.42 9.48
C ALA B 261 -3.46 -10.00 9.90
N ILE B 262 -4.54 -9.44 9.40
CA ILE B 262 -4.92 -8.07 9.70
C ILE B 262 -6.31 -8.14 10.32
N THR B 263 -6.46 -7.61 11.53
CA THR B 263 -7.74 -7.63 12.23
C THR B 263 -8.32 -6.23 12.36
N THR B 264 -9.55 -6.07 11.89
CA THR B 264 -10.21 -4.77 11.92
C THR B 264 -11.51 -4.69 12.71
N ALA B 265 -11.80 -5.70 13.53
CA ALA B 265 -13.05 -5.75 14.29
C ALA B 265 -13.13 -4.83 15.51
N LEU B 266 -14.17 -4.03 15.56
CA LEU B 266 -14.41 -3.08 16.65
C LEU B 266 -15.91 -2.92 16.93
N ILE B 267 -16.23 -2.47 18.14
CA ILE B 267 -17.61 -2.23 18.53
C ILE B 267 -17.63 -1.02 19.44
N PRO B 268 -18.38 0.03 19.07
CA PRO B 268 -18.47 1.27 19.84
C PRO B 268 -18.76 1.07 21.33
N GLY B 269 -18.02 1.80 22.15
CA GLY B 269 -18.20 1.74 23.59
C GLY B 269 -17.67 0.47 24.22
N LYS B 270 -17.85 -0.66 23.54
CA LYS B 270 -17.39 -1.94 24.08
C LYS B 270 -15.97 -2.32 23.68
N PRO B 271 -15.35 -3.25 24.44
CA PRO B 271 -13.99 -3.71 24.19
C PRO B 271 -13.95 -4.50 22.88
N ALA B 272 -12.79 -4.49 22.23
CA ALA B 272 -12.66 -5.19 20.97
C ALA B 272 -12.75 -6.70 21.19
N PRO B 273 -13.54 -7.40 20.35
CA PRO B 273 -13.68 -8.84 20.46
C PRO B 273 -12.43 -9.61 20.05
N VAL B 274 -11.99 -10.51 20.93
CA VAL B 274 -10.82 -11.33 20.68
C VAL B 274 -11.09 -12.21 19.47
N LEU B 275 -10.24 -12.09 18.44
CA LEU B 275 -10.40 -12.87 17.22
C LEU B 275 -9.24 -13.81 16.98
N ILE B 276 -8.11 -13.52 17.62
CA ILE B 276 -6.93 -14.37 17.49
C ILE B 276 -6.34 -14.54 18.87
N THR B 277 -6.64 -15.68 19.49
CA THR B 277 -6.18 -16.01 20.84
C THR B 277 -4.67 -16.20 20.88
N GLU B 278 -4.12 -16.31 22.10
CA GLU B 278 -2.69 -16.52 22.26
C GLU B 278 -2.48 -17.95 21.82
N GLU B 279 -3.47 -18.78 22.12
CA GLU B 279 -3.43 -20.18 21.73
C GLU B 279 -3.31 -20.29 20.21
N MET B 280 -4.01 -19.40 19.50
CA MET B 280 -3.96 -19.42 18.04
C MET B 280 -2.61 -18.93 17.51
N VAL B 281 -2.07 -17.84 18.06
CA VAL B 281 -0.81 -17.35 17.55
C VAL B 281 0.32 -18.38 17.63
N THR B 282 0.25 -19.28 18.63
CA THR B 282 1.29 -20.30 18.78
C THR B 282 1.26 -21.26 17.61
N LYS B 283 0.10 -21.37 16.96
CA LYS B 283 -0.08 -22.24 15.81
C LYS B 283 0.35 -21.59 14.50
N MET B 284 0.84 -20.36 14.56
CA MET B 284 1.29 -19.63 13.36
C MET B 284 2.74 -19.89 13.02
N LYS B 285 3.05 -19.79 11.73
CA LYS B 285 4.41 -20.02 11.26
C LYS B 285 5.32 -18.82 11.51
N PRO B 286 6.58 -19.08 11.89
CA PRO B 286 7.59 -18.06 12.17
C PRO B 286 7.77 -17.11 10.99
N GLY B 287 7.93 -15.82 11.31
CA GLY B 287 8.08 -14.83 10.27
C GLY B 287 6.76 -14.09 10.06
N SER B 288 5.67 -14.68 10.54
CA SER B 288 4.35 -14.06 10.41
C SER B 288 4.20 -12.79 11.22
N VAL B 289 3.25 -11.95 10.79
CA VAL B 289 2.96 -10.69 11.45
C VAL B 289 1.45 -10.55 11.56
N ILE B 290 0.98 -10.03 12.69
CA ILE B 290 -0.46 -9.79 12.90
C ILE B 290 -0.64 -8.27 13.02
N ILE B 291 -1.47 -7.68 12.17
CA ILE B 291 -1.71 -6.24 12.27
C ILE B 291 -3.06 -6.06 12.97
N ASP B 292 -3.02 -5.62 14.22
CA ASP B 292 -4.24 -5.43 15.02
C ASP B 292 -4.73 -3.98 15.04
N LEU B 293 -5.57 -3.62 14.07
CA LEU B 293 -6.08 -2.25 14.00
C LEU B 293 -7.04 -1.96 15.13
N ALA B 294 -7.33 -2.97 15.94
CA ALA B 294 -8.26 -2.81 17.05
C ALA B 294 -7.53 -2.63 18.38
N VAL B 295 -6.22 -2.44 18.30
CA VAL B 295 -5.39 -2.29 19.48
C VAL B 295 -5.74 -1.21 20.52
N GLU B 296 -6.52 -0.20 20.17
CA GLU B 296 -6.83 0.82 21.17
C GLU B 296 -8.09 0.48 21.96
N ALA B 297 -8.82 -0.53 21.54
CA ALA B 297 -10.04 -0.92 22.24
C ALA B 297 -9.81 -2.28 22.91
N GLY B 298 -8.53 -2.62 23.12
CA GLY B 298 -8.19 -3.88 23.74
C GLY B 298 -7.55 -4.86 22.79
N GLY B 299 -7.80 -4.68 21.49
CA GLY B 299 -7.23 -5.54 20.49
C GLY B 299 -8.05 -6.77 20.15
N ASN B 300 -7.81 -7.33 18.98
CA ASN B 300 -8.50 -8.53 18.54
C ASN B 300 -7.59 -9.68 18.96
N CYS B 301 -6.39 -9.31 19.38
CA CYS B 301 -5.38 -10.26 19.83
C CYS B 301 -4.89 -9.77 21.19
N PRO B 302 -5.05 -10.60 22.24
CA PRO B 302 -4.60 -10.19 23.57
C PRO B 302 -3.11 -9.96 23.72
N LEU B 303 -2.31 -10.38 22.74
CA LEU B 303 -0.86 -10.19 22.84
C LEU B 303 -0.36 -8.85 22.31
N SER B 304 -1.25 -8.06 21.71
CA SER B 304 -0.88 -6.75 21.16
C SER B 304 -0.80 -5.67 22.24
N GLU B 305 0.08 -4.71 22.02
CA GLU B 305 0.28 -3.63 22.99
C GLU B 305 0.25 -2.26 22.34
N PRO B 306 -0.73 -1.43 22.71
CA PRO B 306 -0.90 -0.07 22.18
C PRO B 306 0.39 0.69 21.93
N GLY B 307 0.74 0.86 20.67
CA GLY B 307 1.94 1.60 20.31
C GLY B 307 3.21 0.82 20.04
N LYS B 308 3.14 -0.49 19.96
CA LYS B 308 4.36 -1.24 19.70
C LYS B 308 4.24 -2.60 19.03
N ILE B 309 5.38 -3.05 18.53
CA ILE B 309 5.48 -4.32 17.85
C ILE B 309 6.01 -5.35 18.83
N VAL B 310 5.14 -6.15 19.43
CA VAL B 310 5.63 -7.17 20.35
C VAL B 310 5.97 -8.40 19.54
N VAL B 311 6.73 -9.31 20.12
CA VAL B 311 7.12 -10.52 19.41
C VAL B 311 7.11 -11.76 20.29
N LYS B 312 6.26 -12.71 19.94
CA LYS B 312 6.20 -13.97 20.68
C LYS B 312 5.85 -15.13 19.74
N HIS B 313 6.46 -16.28 20.00
CA HIS B 313 6.23 -17.48 19.23
C HIS B 313 6.68 -17.30 17.79
N GLY B 314 7.60 -16.36 17.59
CA GLY B 314 8.13 -16.08 16.27
C GLY B 314 7.24 -15.17 15.45
N VAL B 315 6.10 -14.79 16.02
CA VAL B 315 5.14 -13.93 15.35
C VAL B 315 5.22 -12.47 15.80
N LYS B 316 5.27 -11.54 14.84
CA LYS B 316 5.32 -10.12 15.19
C LYS B 316 3.90 -9.59 15.33
N ILE B 317 3.60 -9.03 16.49
CA ILE B 317 2.26 -8.49 16.73
C ILE B 317 2.34 -6.97 16.74
N VAL B 318 1.98 -6.38 15.60
CA VAL B 318 2.02 -4.94 15.41
C VAL B 318 0.76 -4.22 15.92
N GLY B 319 0.98 -3.19 16.74
CA GLY B 319 -0.14 -2.47 17.30
C GLY B 319 0.01 -0.95 17.30
N HIS B 320 0.22 -0.37 16.14
CA HIS B 320 0.34 1.07 16.05
C HIS B 320 -0.97 1.71 16.45
N THR B 321 -0.87 2.93 16.99
CA THR B 321 -2.07 3.65 17.39
C THR B 321 -2.31 4.74 16.36
N ASN B 322 -3.55 5.20 16.28
CA ASN B 322 -3.90 6.27 15.37
C ASN B 322 -3.41 6.04 13.94
N VAL B 323 -3.72 4.86 13.39
CA VAL B 323 -3.30 4.53 12.04
C VAL B 323 -3.65 5.61 11.01
N PRO B 324 -4.85 6.21 11.09
CA PRO B 324 -5.21 7.25 10.12
C PRO B 324 -4.11 8.31 10.03
N SER B 325 -3.48 8.62 11.17
CA SER B 325 -2.42 9.62 11.22
C SER B 325 -1.18 9.15 10.45
N ARG B 326 -0.99 7.84 10.31
CA ARG B 326 0.16 7.34 9.56
C ARG B 326 0.01 7.65 8.07
N VAL B 327 -1.15 8.19 7.70
CA VAL B 327 -1.42 8.58 6.30
C VAL B 327 -1.96 10.00 6.41
N ALA B 328 -1.32 10.78 7.27
CA ALA B 328 -1.71 12.15 7.55
C ALA B 328 -1.90 13.08 6.35
N ALA B 329 -0.99 13.04 5.39
CA ALA B 329 -1.07 13.92 4.23
C ALA B 329 -2.31 13.74 3.35
N ASP B 330 -2.93 12.56 3.37
CA ASP B 330 -4.14 12.34 2.59
C ASP B 330 -5.35 12.34 3.50
N ALA B 331 -5.14 11.89 4.73
CA ALA B 331 -6.21 11.83 5.71
C ALA B 331 -6.77 13.21 6.03
N SER B 332 -5.89 14.18 6.24
CA SER B 332 -6.31 15.52 6.61
C SER B 332 -7.16 16.21 5.56
N PRO B 333 -6.72 16.22 4.31
CA PRO B 333 -7.61 16.90 3.36
C PRO B 333 -8.99 16.21 3.29
N LEU B 334 -9.03 14.90 3.48
CA LEU B 334 -10.31 14.20 3.46
C LEU B 334 -11.16 14.66 4.66
N PHE B 335 -10.51 14.79 5.82
CA PHE B 335 -11.19 15.19 7.05
C PHE B 335 -11.71 16.63 6.92
N ALA B 336 -10.86 17.53 6.41
CA ALA B 336 -11.28 18.94 6.22
C ALA B 336 -12.49 18.98 5.31
N LYS B 337 -12.52 18.04 4.37
CA LYS B 337 -13.62 17.94 3.43
C LYS B 337 -14.90 17.53 4.18
N ASN B 338 -14.82 16.47 4.98
CA ASN B 338 -15.99 16.04 5.74
C ASN B 338 -16.56 17.24 6.50
N LEU B 339 -15.68 17.92 7.25
CA LEU B 339 -16.05 19.07 8.04
C LEU B 339 -16.78 20.10 7.19
N LEU B 340 -16.15 20.54 6.12
CA LEU B 340 -16.76 21.53 5.23
C LEU B 340 -18.11 21.08 4.69
N ASN B 341 -18.20 19.83 4.26
CA ASN B 341 -19.43 19.31 3.70
C ASN B 341 -20.52 19.33 4.73
N PHE B 342 -20.13 19.31 6.00
CA PHE B 342 -21.10 19.30 7.08
C PHE B 342 -21.60 20.70 7.37
N LEU B 343 -20.70 21.67 7.22
CA LEU B 343 -20.99 23.06 7.51
C LEU B 343 -21.71 23.87 6.43
N THR B 344 -21.18 23.82 5.20
CA THR B 344 -21.76 24.59 4.08
C THR B 344 -23.29 24.71 4.03
N PRO B 345 -24.02 23.61 4.23
CA PRO B 345 -25.48 23.69 4.18
C PRO B 345 -26.10 24.63 5.23
N HIS B 346 -25.27 25.25 6.06
CA HIS B 346 -25.78 26.12 7.12
C HIS B 346 -25.25 27.56 7.08
N VAL B 347 -24.36 27.84 6.14
CA VAL B 347 -23.81 29.18 5.95
C VAL B 347 -24.50 29.76 4.75
N ASP B 348 -25.37 30.74 4.99
CA ASP B 348 -26.11 31.34 3.89
C ASP B 348 -25.96 32.87 3.86
N LYS B 349 -26.77 33.53 3.04
CA LYS B 349 -26.75 34.99 2.92
C LYS B 349 -26.64 35.60 4.32
N ASP B 350 -27.78 35.78 4.96
CA ASP B 350 -27.88 36.31 6.31
C ASP B 350 -26.68 37.17 6.69
N THR B 351 -26.11 37.84 5.70
CA THR B 351 -24.94 38.69 5.90
C THR B 351 -23.80 38.01 6.70
N LYS B 352 -23.47 36.78 6.32
CA LYS B 352 -22.39 36.00 6.95
C LYS B 352 -22.69 35.51 8.37
N THR B 353 -23.53 34.49 8.46
CA THR B 353 -23.90 33.91 9.76
C THR B 353 -24.38 32.47 9.55
N LEU B 354 -23.86 31.52 10.33
CA LEU B 354 -24.30 30.13 10.18
C LEU B 354 -25.42 29.84 11.16
N VAL B 355 -26.40 29.05 10.72
CA VAL B 355 -27.53 28.70 11.57
C VAL B 355 -27.88 27.24 11.34
N MET B 356 -27.62 26.42 12.35
CA MET B 356 -27.87 24.98 12.27
C MET B 356 -29.34 24.62 12.45
N LYS B 357 -30.05 24.45 11.32
CA LYS B 357 -31.44 24.07 11.38
C LYS B 357 -31.57 22.86 12.29
N LEU B 358 -32.30 23.03 13.38
CA LEU B 358 -32.50 21.98 14.34
C LEU B 358 -33.30 20.81 13.74
N GLU B 359 -33.93 21.07 12.60
CA GLU B 359 -34.73 20.05 11.91
C GLU B 359 -33.80 18.98 11.32
N ASP B 360 -32.69 19.45 10.76
CA ASP B 360 -31.69 18.59 10.12
C ASP B 360 -31.21 17.44 11.01
N GLU B 361 -31.31 16.21 10.49
CA GLU B 361 -30.90 15.02 11.23
C GLU B 361 -29.39 14.97 11.41
N THR B 362 -28.68 15.68 10.54
CA THR B 362 -27.24 15.71 10.62
C THR B 362 -26.85 16.56 11.85
N VAL B 363 -27.64 17.58 12.12
CA VAL B 363 -27.41 18.48 13.24
C VAL B 363 -27.92 17.90 14.57
N SER B 364 -29.09 17.29 14.54
CA SER B 364 -29.67 16.71 15.74
C SER B 364 -28.96 15.47 16.25
N GLY B 365 -28.38 14.70 15.33
CA GLY B 365 -27.71 13.48 15.76
C GLY B 365 -26.25 13.71 16.11
N THR B 366 -25.74 14.87 15.73
CA THR B 366 -24.35 15.15 15.99
C THR B 366 -24.12 16.14 17.14
N CYS B 367 -25.06 17.05 17.35
CA CYS B 367 -24.95 18.04 18.41
C CYS B 367 -24.93 17.36 19.77
N VAL B 368 -23.87 17.61 20.54
CA VAL B 368 -23.74 17.00 21.87
C VAL B 368 -24.20 17.90 23.01
N THR B 369 -23.85 19.18 22.93
CA THR B 369 -24.24 20.15 23.94
C THR B 369 -24.54 21.49 23.26
N ARG B 370 -25.51 22.22 23.79
CA ARG B 370 -25.90 23.50 23.19
C ARG B 370 -26.01 24.62 24.24
N ASP B 371 -25.25 25.69 24.02
CA ASP B 371 -25.19 26.85 24.89
C ASP B 371 -25.51 26.61 26.36
N GLY B 372 -24.56 26.01 27.07
CA GLY B 372 -24.71 25.76 28.50
C GLY B 372 -25.55 24.56 28.92
N ALA B 373 -25.78 23.62 28.02
CA ALA B 373 -26.59 22.45 28.36
C ALA B 373 -26.38 21.21 27.47
N ILE B 374 -26.04 20.09 28.09
CA ILE B 374 -25.88 18.83 27.37
C ILE B 374 -27.19 18.60 26.60
N VAL B 375 -27.10 18.07 25.39
CA VAL B 375 -28.30 17.84 24.57
C VAL B 375 -28.49 16.40 24.09
N HIS B 376 -27.39 15.74 23.73
CA HIS B 376 -27.48 14.36 23.24
C HIS B 376 -28.02 13.42 24.32
N PRO B 377 -29.18 12.78 24.04
CA PRO B 377 -29.86 11.83 24.93
C PRO B 377 -28.96 10.90 25.75
N ALA B 378 -28.16 10.09 25.07
CA ALA B 378 -27.28 9.14 25.75
C ALA B 378 -26.33 9.72 26.79
N LEU B 379 -26.41 11.03 27.04
CA LEU B 379 -25.53 11.68 28.02
C LEU B 379 -26.24 12.28 29.23
N THR B 380 -26.54 11.43 30.22
CA THR B 380 -27.23 11.81 31.48
C THR B 380 -28.05 13.10 31.36
N GLY B 381 -28.71 13.24 30.22
CA GLY B 381 -29.52 14.41 29.95
C GLY B 381 -29.90 14.43 28.48
N SER C 1 -44.32 -0.28 -18.36
CA SER C 1 -43.89 -1.05 -17.16
C SER C 1 -42.73 -2.03 -17.47
N VAL C 2 -41.58 -1.45 -17.79
CA VAL C 2 -40.33 -2.19 -18.08
C VAL C 2 -40.15 -2.83 -19.45
N LYS C 3 -39.19 -2.31 -20.21
CA LYS C 3 -38.85 -2.85 -21.52
C LYS C 3 -37.72 -3.83 -21.27
N ALA C 4 -37.64 -4.90 -22.07
CA ALA C 4 -36.57 -5.89 -21.90
C ALA C 4 -35.40 -5.62 -22.83
N GLY C 5 -34.67 -6.68 -23.20
CA GLY C 5 -33.53 -6.52 -24.07
C GLY C 5 -32.42 -7.54 -23.85
N SER C 6 -31.76 -7.92 -24.94
CA SER C 6 -30.68 -8.91 -24.89
C SER C 6 -29.38 -8.30 -25.38
N ALA C 7 -28.33 -9.12 -25.39
CA ALA C 7 -27.01 -8.74 -25.84
C ALA C 7 -27.00 -8.13 -27.23
N GLU C 8 -27.48 -8.91 -28.20
CA GLU C 8 -27.53 -8.49 -29.60
C GLU C 8 -28.09 -7.07 -29.70
N ASP C 9 -29.18 -6.82 -28.97
CA ASP C 9 -29.80 -5.50 -28.98
C ASP C 9 -28.79 -4.48 -28.44
N ALA C 10 -28.32 -4.74 -27.22
CA ALA C 10 -27.36 -3.86 -26.55
C ALA C 10 -26.10 -3.65 -27.39
N ALA C 11 -25.75 -4.63 -28.21
CA ALA C 11 -24.58 -4.49 -29.05
C ALA C 11 -24.94 -3.46 -30.10
N PHE C 12 -26.14 -3.57 -30.64
CA PHE C 12 -26.63 -2.65 -31.66
C PHE C 12 -26.62 -1.21 -31.15
N ILE C 13 -27.52 -0.92 -30.21
CA ILE C 13 -27.64 0.41 -29.62
C ILE C 13 -26.30 1.15 -29.48
N MET C 14 -25.38 0.56 -28.73
CA MET C 14 -24.05 1.15 -28.50
C MET C 14 -23.17 1.22 -29.75
N LYS C 15 -23.19 0.14 -30.54
CA LYS C 15 -22.38 0.08 -31.75
C LYS C 15 -22.75 1.19 -32.73
N ASN C 16 -23.83 1.90 -32.43
CA ASN C 16 -24.25 3.02 -33.28
C ASN C 16 -24.24 4.31 -32.46
N ALA C 17 -23.04 4.71 -32.04
CA ALA C 17 -22.85 5.92 -31.26
C ALA C 17 -21.49 6.54 -31.56
N SER C 18 -21.28 7.79 -31.14
CA SER C 18 -20.01 8.49 -31.37
C SER C 18 -19.33 8.79 -30.05
N LYS C 19 -20.13 8.84 -28.98
CA LYS C 19 -19.62 9.11 -27.63
C LYS C 19 -20.33 8.15 -26.68
N VAL C 20 -19.53 7.40 -25.92
CA VAL C 20 -20.04 6.42 -24.95
C VAL C 20 -19.31 6.49 -23.62
N ILE C 21 -20.08 6.57 -22.53
CA ILE C 21 -19.51 6.61 -21.19
C ILE C 21 -20.01 5.47 -20.34
N ILE C 22 -19.06 4.72 -19.80
CA ILE C 22 -19.35 3.57 -18.94
C ILE C 22 -19.58 4.03 -17.50
N VAL C 23 -20.52 3.38 -16.83
CA VAL C 23 -20.84 3.71 -15.46
C VAL C 23 -20.84 2.43 -14.62
N PRO C 24 -19.66 2.03 -14.09
CA PRO C 24 -19.50 0.83 -13.28
C PRO C 24 -20.04 0.99 -11.87
N GLY C 25 -20.47 -0.13 -11.29
CA GLY C 25 -21.03 -0.16 -9.94
C GLY C 25 -20.77 -1.48 -9.24
N TYR C 26 -21.22 -1.58 -8.00
CA TYR C 26 -21.02 -2.80 -7.21
C TYR C 26 -21.21 -4.06 -8.07
N GLY C 27 -22.31 -4.09 -8.81
CA GLY C 27 -22.60 -5.22 -9.66
C GLY C 27 -21.43 -5.64 -10.51
N MET C 28 -20.72 -4.65 -11.07
CA MET C 28 -19.59 -4.96 -11.93
C MET C 28 -18.45 -5.62 -11.14
N ALA C 29 -18.46 -5.43 -9.83
CA ALA C 29 -17.44 -5.97 -8.96
C ALA C 29 -17.76 -7.37 -8.53
N VAL C 30 -18.98 -7.59 -8.07
CA VAL C 30 -19.40 -8.93 -7.63
C VAL C 30 -19.15 -9.96 -8.72
N ALA C 31 -19.32 -9.54 -9.98
CA ALA C 31 -19.10 -10.43 -11.13
C ALA C 31 -17.66 -10.35 -11.62
N GLN C 32 -16.88 -9.43 -11.08
CA GLN C 32 -15.50 -9.30 -11.49
C GLN C 32 -15.39 -9.11 -13.02
N ALA C 33 -16.23 -8.22 -13.56
CA ALA C 33 -16.27 -7.97 -15.00
C ALA C 33 -15.35 -6.86 -15.54
N GLN C 34 -14.42 -6.39 -14.71
CA GLN C 34 -13.52 -5.31 -15.12
C GLN C 34 -12.79 -5.57 -16.41
N HIS C 35 -12.30 -6.79 -16.61
CA HIS C 35 -11.54 -7.08 -17.81
C HIS C 35 -12.43 -7.22 -19.02
N ALA C 36 -13.61 -7.79 -18.83
CA ALA C 36 -14.54 -7.95 -19.94
C ALA C 36 -14.92 -6.50 -20.29
N LEU C 37 -15.46 -5.80 -19.30
CA LEU C 37 -15.88 -4.41 -19.48
C LEU C 37 -14.85 -3.55 -20.18
N ARG C 38 -13.58 -3.65 -19.76
CA ARG C 38 -12.54 -2.85 -20.38
C ARG C 38 -12.34 -3.22 -21.84
N GLU C 39 -12.68 -4.46 -22.20
CA GLU C 39 -12.55 -4.89 -23.60
C GLU C 39 -13.64 -4.21 -24.40
N MET C 40 -14.89 -4.42 -24.00
CA MET C 40 -16.05 -3.82 -24.66
C MET C 40 -15.84 -2.32 -24.86
N ALA C 41 -14.76 -1.81 -24.30
CA ALA C 41 -14.44 -0.39 -24.40
C ALA C 41 -13.36 -0.12 -25.44
N ASP C 42 -12.32 -0.96 -25.48
CA ASP C 42 -11.25 -0.76 -26.46
C ASP C 42 -11.64 -1.31 -27.85
N VAL C 43 -12.69 -2.14 -27.87
CA VAL C 43 -13.20 -2.68 -29.12
C VAL C 43 -14.21 -1.65 -29.58
N LEU C 44 -14.70 -0.90 -28.61
CA LEU C 44 -15.68 0.14 -28.85
C LEU C 44 -14.97 1.40 -29.35
N LYS C 45 -13.94 1.84 -28.64
CA LYS C 45 -13.20 3.03 -29.05
C LYS C 45 -12.28 2.71 -30.21
N LYS C 46 -12.44 1.50 -30.74
CA LYS C 46 -11.64 1.04 -31.89
C LYS C 46 -12.16 1.75 -33.14
N GLU C 47 -13.48 1.68 -33.32
CA GLU C 47 -14.16 2.30 -34.45
C GLU C 47 -13.72 3.76 -34.58
N GLY C 48 -13.46 4.38 -33.43
CA GLY C 48 -13.05 5.77 -33.38
C GLY C 48 -13.90 6.49 -32.35
N VAL C 49 -14.75 5.71 -31.67
CA VAL C 49 -15.63 6.22 -30.63
C VAL C 49 -14.85 6.73 -29.42
N GLU C 50 -15.48 7.65 -28.68
CA GLU C 50 -14.88 8.21 -27.47
C GLU C 50 -15.48 7.51 -26.28
N VAL C 51 -14.63 7.09 -25.36
CA VAL C 51 -15.10 6.39 -24.17
C VAL C 51 -14.64 7.08 -22.91
N SER C 52 -15.47 6.96 -21.88
CA SER C 52 -15.21 7.56 -20.57
C SER C 52 -15.91 6.75 -19.49
N TYR C 53 -15.36 6.81 -18.28
CA TYR C 53 -15.95 6.11 -17.15
C TYR C 53 -16.42 7.16 -16.15
N ALA C 54 -17.66 7.03 -15.71
CA ALA C 54 -18.24 7.94 -14.74
C ALA C 54 -18.14 7.23 -13.42
N ILE C 55 -17.21 7.67 -12.58
CA ILE C 55 -17.04 7.05 -11.28
C ILE C 55 -17.76 7.84 -10.21
N HIS C 56 -18.70 7.19 -9.53
CA HIS C 56 -19.47 7.83 -8.47
C HIS C 56 -18.81 7.45 -7.16
N PRO C 57 -18.36 8.44 -6.39
CA PRO C 57 -17.69 8.27 -5.09
C PRO C 57 -18.17 7.08 -4.26
N VAL C 58 -19.47 6.83 -4.29
CA VAL C 58 -20.04 5.76 -3.50
C VAL C 58 -20.44 4.52 -4.29
N ALA C 59 -19.75 4.25 -5.39
CA ALA C 59 -20.05 3.06 -6.17
C ALA C 59 -19.46 1.91 -5.35
N GLY C 60 -19.94 0.69 -5.59
CA GLY C 60 -19.44 -0.47 -4.86
C GLY C 60 -19.80 -0.46 -3.39
N ARG C 61 -18.92 -1.01 -2.55
CA ARG C 61 -19.16 -1.06 -1.11
C ARG C 61 -18.10 -0.37 -0.25
N MET C 62 -17.13 0.28 -0.88
CA MET C 62 -16.10 0.97 -0.12
C MET C 62 -15.36 2.00 -0.98
N PRO C 63 -14.85 3.08 -0.36
CA PRO C 63 -14.12 4.13 -1.09
C PRO C 63 -13.10 3.56 -2.07
N GLY C 64 -13.12 4.08 -3.30
CA GLY C 64 -12.19 3.59 -4.30
C GLY C 64 -12.49 2.17 -4.75
N HIS C 65 -13.73 1.72 -4.58
CA HIS C 65 -14.06 0.36 -5.00
C HIS C 65 -13.97 0.19 -6.50
N MET C 66 -14.49 1.15 -7.25
CA MET C 66 -14.43 1.07 -8.69
C MET C 66 -13.02 1.32 -9.18
N ASN C 67 -12.30 2.22 -8.54
CA ASN C 67 -10.93 2.53 -8.96
C ASN C 67 -10.00 1.31 -8.99
N VAL C 68 -9.89 0.61 -7.86
CA VAL C 68 -8.99 -0.52 -7.80
C VAL C 68 -9.31 -1.57 -8.86
N LEU C 69 -10.59 -1.86 -9.08
CA LEU C 69 -10.95 -2.88 -10.08
C LEU C 69 -10.69 -2.42 -11.53
N LEU C 70 -10.85 -1.13 -11.80
CA LEU C 70 -10.58 -0.59 -13.13
C LEU C 70 -9.07 -0.59 -13.33
N ALA C 71 -8.36 -0.17 -12.28
CA ALA C 71 -6.90 -0.13 -12.33
C ALA C 71 -6.31 -1.50 -12.60
N GLU C 72 -7.00 -2.55 -12.16
CA GLU C 72 -6.50 -3.89 -12.39
C GLU C 72 -6.71 -4.30 -13.84
N ALA C 73 -7.85 -3.89 -14.41
CA ALA C 73 -8.19 -4.22 -15.79
C ALA C 73 -7.33 -3.40 -16.75
N ASN C 74 -6.51 -2.52 -16.19
CA ASN C 74 -5.61 -1.69 -16.98
C ASN C 74 -6.28 -0.53 -17.73
N VAL C 75 -7.44 -0.08 -17.25
CA VAL C 75 -8.09 1.05 -17.90
C VAL C 75 -7.34 2.29 -17.44
N PRO C 76 -6.89 3.13 -18.38
CA PRO C 76 -6.14 4.37 -18.14
C PRO C 76 -6.76 5.31 -17.11
N TYR C 77 -5.91 6.08 -16.44
CA TYR C 77 -6.42 7.02 -15.45
C TYR C 77 -7.12 8.16 -16.20
N ASP C 78 -6.40 8.77 -17.14
CA ASP C 78 -6.95 9.85 -17.94
C ASP C 78 -8.03 9.30 -18.87
N GLU C 79 -9.15 8.88 -18.28
CA GLU C 79 -10.26 8.32 -19.01
C GLU C 79 -11.31 7.94 -17.97
N VAL C 80 -10.91 8.05 -16.71
CA VAL C 80 -11.79 7.75 -15.60
C VAL C 80 -12.04 9.09 -14.93
N PHE C 81 -13.31 9.45 -14.77
CA PHE C 81 -13.66 10.73 -14.18
C PHE C 81 -14.62 10.63 -13.00
N GLU C 82 -14.53 11.57 -12.06
CA GLU C 82 -15.39 11.58 -10.88
C GLU C 82 -16.68 12.34 -11.17
N LEU C 83 -17.77 11.88 -10.55
CA LEU C 83 -19.10 12.46 -10.74
C LEU C 83 -19.07 13.93 -11.11
N GLU C 84 -18.52 14.73 -10.21
CA GLU C 84 -18.45 16.15 -10.41
C GLU C 84 -17.68 16.66 -11.62
N GLU C 85 -16.77 15.87 -12.18
CA GLU C 85 -16.00 16.33 -13.33
C GLU C 85 -16.51 15.80 -14.67
N ILE C 86 -17.63 15.09 -14.67
CA ILE C 86 -18.17 14.51 -15.90
C ILE C 86 -19.71 14.45 -15.94
N ASN C 87 -20.32 14.64 -14.78
CA ASN C 87 -21.78 14.58 -14.65
C ASN C 87 -22.57 15.36 -15.71
N SER C 88 -21.91 16.28 -16.39
CA SER C 88 -22.56 17.08 -17.41
C SER C 88 -22.57 16.37 -18.76
N SER C 89 -21.43 15.79 -19.14
CA SER C 89 -21.24 15.09 -20.41
C SER C 89 -22.33 14.10 -20.83
N PHE C 90 -23.08 13.56 -19.88
CA PHE C 90 -24.13 12.60 -20.23
C PHE C 90 -25.09 13.12 -21.31
N GLN C 91 -25.49 14.38 -21.20
CA GLN C 91 -26.40 15.00 -22.16
C GLN C 91 -25.96 14.76 -23.59
N THR C 92 -24.70 15.08 -23.89
CA THR C 92 -24.17 14.90 -25.23
C THR C 92 -23.60 13.48 -25.41
N ALA C 93 -24.32 12.51 -24.85
CA ALA C 93 -23.92 11.09 -24.93
C ALA C 93 -25.12 10.26 -25.37
N ASP C 94 -24.88 9.39 -26.35
CA ASP C 94 -25.94 8.53 -26.89
C ASP C 94 -26.27 7.42 -25.92
N VAL C 95 -25.22 6.71 -25.50
CA VAL C 95 -25.40 5.61 -24.58
C VAL C 95 -24.77 5.81 -23.20
N ALA C 96 -25.50 5.32 -22.20
CA ALA C 96 -25.06 5.39 -20.81
C ALA C 96 -24.97 3.95 -20.29
N PHE C 97 -23.93 3.24 -20.72
CA PHE C 97 -23.71 1.86 -20.31
C PHE C 97 -23.59 1.72 -18.80
N VAL C 98 -24.68 1.31 -18.16
CA VAL C 98 -24.70 1.16 -16.71
C VAL C 98 -24.50 -0.30 -16.27
N ILE C 99 -23.25 -0.72 -16.16
CA ILE C 99 -22.91 -2.08 -15.76
C ILE C 99 -22.81 -2.24 -14.24
N GLY C 100 -23.74 -2.97 -13.66
CA GLY C 100 -23.73 -3.21 -12.23
C GLY C 100 -24.03 -2.01 -11.35
N ALA C 101 -24.38 -0.88 -11.95
CA ALA C 101 -24.69 0.32 -11.16
C ALA C 101 -26.20 0.57 -11.11
N ASN C 102 -26.70 0.89 -9.92
CA ASN C 102 -28.11 1.16 -9.76
C ASN C 102 -28.40 2.40 -8.89
N ASP C 103 -28.13 2.30 -7.58
CA ASP C 103 -28.37 3.43 -6.68
C ASP C 103 -27.66 4.72 -7.07
N VAL C 104 -26.54 4.58 -7.76
CA VAL C 104 -25.74 5.71 -8.21
C VAL C 104 -26.41 6.54 -9.32
N THR C 105 -27.57 6.07 -9.78
CA THR C 105 -28.29 6.75 -10.86
C THR C 105 -29.74 7.07 -10.54
N ASN C 106 -30.31 6.31 -9.60
CA ASN C 106 -31.70 6.49 -9.19
C ASN C 106 -31.98 7.99 -9.04
N PRO C 107 -33.07 8.49 -9.65
CA PRO C 107 -33.43 9.91 -9.58
C PRO C 107 -34.16 10.32 -8.30
N ALA C 108 -34.56 9.33 -7.51
CA ALA C 108 -35.28 9.60 -6.28
C ALA C 108 -34.48 10.45 -5.30
N ALA C 109 -33.24 10.78 -5.70
CA ALA C 109 -32.36 11.59 -4.85
C ALA C 109 -32.60 13.09 -5.05
N LYS C 110 -33.20 13.45 -6.17
CA LYS C 110 -33.49 14.83 -6.46
C LYS C 110 -34.99 15.06 -6.26
N THR C 111 -35.75 14.00 -6.45
CA THR C 111 -37.20 14.06 -6.31
C THR C 111 -37.57 13.36 -5.00
N ASP C 112 -38.64 12.55 -5.03
CA ASP C 112 -39.12 11.80 -3.87
C ASP C 112 -38.42 12.10 -2.54
N PRO C 113 -38.71 13.27 -1.94
CA PRO C 113 -38.10 13.69 -0.66
C PRO C 113 -38.58 12.87 0.53
N SER C 114 -38.05 11.66 0.65
CA SER C 114 -38.38 10.74 1.74
C SER C 114 -37.70 9.43 1.41
N SER C 115 -36.93 9.42 0.32
CA SER C 115 -36.21 8.24 -0.12
C SER C 115 -34.89 8.15 0.62
N PRO C 116 -34.50 6.92 1.01
CA PRO C 116 -33.25 6.65 1.73
C PRO C 116 -32.04 7.23 1.00
N ILE C 117 -32.17 7.32 -0.32
CA ILE C 117 -31.11 7.81 -1.19
C ILE C 117 -31.33 9.30 -1.48
N TYR C 118 -32.09 9.97 -0.62
CA TYR C 118 -32.40 11.39 -0.80
C TYR C 118 -31.28 12.34 -0.37
N GLY C 119 -30.98 13.30 -1.24
CA GLY C 119 -29.95 14.28 -0.94
C GLY C 119 -28.60 13.89 -1.49
N MET C 120 -28.42 12.59 -1.70
CA MET C 120 -27.18 12.04 -2.21
C MET C 120 -26.97 12.41 -3.68
N PRO C 121 -25.80 12.94 -4.03
CA PRO C 121 -25.55 13.30 -5.43
C PRO C 121 -25.52 12.07 -6.34
N ILE C 122 -26.04 12.21 -7.56
CA ILE C 122 -26.08 11.11 -8.52
C ILE C 122 -25.54 11.49 -9.89
N LEU C 123 -25.45 10.50 -10.78
CA LEU C 123 -24.97 10.73 -12.13
C LEU C 123 -26.15 10.97 -13.07
N ASP C 124 -26.04 11.98 -13.92
CA ASP C 124 -27.10 12.34 -14.86
C ASP C 124 -27.15 11.38 -16.05
N VAL C 125 -27.38 10.10 -15.75
CA VAL C 125 -27.44 9.08 -16.78
C VAL C 125 -28.62 9.28 -17.73
N GLU C 126 -29.80 9.52 -17.19
CA GLU C 126 -31.00 9.71 -18.01
C GLU C 126 -30.86 10.74 -19.11
N LYS C 127 -30.08 11.79 -18.87
CA LYS C 127 -29.89 12.82 -19.88
C LYS C 127 -29.20 12.26 -21.12
N ALA C 128 -28.74 11.01 -21.02
CA ALA C 128 -28.08 10.34 -22.14
C ALA C 128 -29.14 9.78 -23.09
N GLY C 129 -28.84 9.79 -24.38
CA GLY C 129 -29.78 9.28 -25.36
C GLY C 129 -30.45 8.02 -24.86
N THR C 130 -29.70 6.92 -24.91
CA THR C 130 -30.22 5.65 -24.45
C THR C 130 -29.39 5.10 -23.27
N VAL C 131 -30.08 4.67 -22.23
CA VAL C 131 -29.42 4.14 -21.05
C VAL C 131 -29.58 2.63 -20.89
N LEU C 132 -28.51 1.91 -21.18
CA LEU C 132 -28.49 0.45 -21.05
C LEU C 132 -28.02 0.08 -19.65
N PHE C 133 -28.83 -0.68 -18.91
CA PHE C 133 -28.43 -1.11 -17.58
C PHE C 133 -27.72 -2.46 -17.68
N ILE C 134 -27.98 -3.34 -16.72
CA ILE C 134 -27.43 -4.70 -16.63
C ILE C 134 -27.59 -5.19 -15.21
N LYS C 135 -28.33 -6.27 -15.02
CA LYS C 135 -28.52 -6.83 -13.69
C LYS C 135 -29.36 -8.09 -13.66
N ARG C 136 -28.87 -9.06 -12.90
CA ARG C 136 -29.48 -10.38 -12.75
C ARG C 136 -31.01 -10.38 -12.54
N SER C 137 -31.56 -9.30 -11.99
CA SER C 137 -33.00 -9.26 -11.76
C SER C 137 -33.60 -7.88 -11.64
N MET C 138 -34.61 -7.79 -10.78
CA MET C 138 -35.33 -6.55 -10.53
C MET C 138 -35.04 -6.02 -9.14
N ALA C 139 -34.64 -6.90 -8.24
CA ALA C 139 -34.33 -6.52 -6.86
C ALA C 139 -33.62 -5.18 -6.87
N SER C 140 -33.75 -4.43 -5.78
CA SER C 140 -33.08 -3.14 -5.75
C SER C 140 -31.64 -3.34 -5.27
N GLY C 141 -30.99 -2.25 -4.91
CA GLY C 141 -29.62 -2.34 -4.46
C GLY C 141 -29.52 -2.13 -2.98
N TYR C 142 -28.41 -1.55 -2.56
CA TYR C 142 -28.17 -1.29 -1.15
C TYR C 142 -29.35 -0.49 -0.57
N ALA C 143 -29.75 0.58 -1.27
CA ALA C 143 -30.82 1.47 -0.83
C ALA C 143 -32.14 0.81 -0.41
N GLY C 144 -32.67 -0.06 -1.25
CA GLY C 144 -33.92 -0.73 -0.93
C GLY C 144 -35.11 -0.01 -1.54
N VAL C 145 -34.88 0.64 -2.68
CA VAL C 145 -35.91 1.39 -3.38
C VAL C 145 -35.79 1.10 -4.87
N GLU C 146 -36.90 1.16 -5.59
CA GLU C 146 -36.88 0.89 -7.02
C GLU C 146 -36.40 2.12 -7.80
N ASN C 147 -35.83 1.87 -8.97
CA ASN C 147 -35.29 2.91 -9.84
C ASN C 147 -36.30 3.24 -10.94
N GLU C 148 -36.98 4.38 -10.82
CA GLU C 148 -37.98 4.81 -11.81
C GLU C 148 -37.34 4.90 -13.20
N LEU C 149 -36.03 4.84 -13.24
CA LEU C 149 -35.31 4.91 -14.49
C LEU C 149 -35.38 3.53 -15.14
N PHE C 150 -35.62 2.51 -14.32
CA PHE C 150 -35.72 1.13 -14.80
C PHE C 150 -36.79 1.00 -15.87
N PHE C 151 -38.03 1.34 -15.52
CA PHE C 151 -39.11 1.24 -16.50
C PHE C 151 -39.57 2.59 -17.03
N ARG C 152 -39.01 3.00 -18.16
CA ARG C 152 -39.39 4.25 -18.81
C ARG C 152 -38.76 4.41 -20.18
N ASN C 153 -39.57 4.89 -21.11
CA ASN C 153 -39.18 5.11 -22.51
C ASN C 153 -37.76 4.75 -22.94
N ASN C 154 -36.77 5.53 -22.53
CA ASN C 154 -35.40 5.24 -22.92
C ASN C 154 -34.58 4.55 -21.84
N THR C 155 -34.79 3.24 -21.71
CA THR C 155 -34.08 2.45 -20.72
C THR C 155 -34.09 0.96 -21.12
N MET C 156 -32.93 0.32 -21.00
CA MET C 156 -32.78 -1.10 -21.32
C MET C 156 -32.53 -1.93 -20.06
N MET C 157 -33.03 -3.16 -20.05
CA MET C 157 -32.84 -4.03 -18.90
C MET C 157 -32.25 -5.37 -19.29
N LEU C 158 -30.93 -5.37 -19.53
CA LEU C 158 -30.20 -6.58 -19.90
C LEU C 158 -30.07 -7.46 -18.66
N PHE C 159 -31.12 -8.22 -18.35
CA PHE C 159 -31.15 -9.10 -17.17
C PHE C 159 -30.14 -10.25 -17.20
N GLY C 160 -29.21 -10.27 -16.26
CA GLY C 160 -28.22 -11.33 -16.23
C GLY C 160 -26.98 -10.96 -15.43
N ASP C 161 -25.85 -11.62 -15.72
CA ASP C 161 -24.60 -11.34 -15.03
C ASP C 161 -23.72 -10.36 -15.80
N ALA C 162 -23.13 -9.42 -15.07
CA ALA C 162 -22.30 -8.37 -15.66
C ALA C 162 -21.15 -8.88 -16.51
N LYS C 163 -20.47 -9.92 -16.06
CA LYS C 163 -19.34 -10.44 -16.81
C LYS C 163 -19.84 -11.13 -18.09
N LYS C 164 -20.89 -11.93 -17.97
CA LYS C 164 -21.46 -12.63 -19.12
C LYS C 164 -22.15 -11.66 -20.07
N MET C 165 -23.09 -10.86 -19.56
CA MET C 165 -23.82 -9.87 -20.36
C MET C 165 -22.89 -8.92 -21.10
N THR C 166 -21.64 -8.83 -20.64
CA THR C 166 -20.66 -7.96 -21.28
C THR C 166 -19.83 -8.84 -22.21
N GLU C 167 -19.55 -10.05 -21.74
CA GLU C 167 -18.75 -11.03 -22.47
C GLU C 167 -19.28 -11.24 -23.89
N GLN C 168 -20.59 -11.45 -23.99
CA GLN C 168 -21.27 -11.68 -25.25
C GLN C 168 -21.28 -10.42 -26.13
N ILE C 169 -21.71 -9.30 -25.54
CA ILE C 169 -21.74 -8.03 -26.27
C ILE C 169 -20.42 -7.82 -27.01
N VAL C 170 -19.31 -8.15 -26.34
CA VAL C 170 -17.99 -7.99 -26.94
C VAL C 170 -17.86 -8.87 -28.17
N GLN C 171 -18.52 -10.03 -28.11
CA GLN C 171 -18.50 -11.01 -29.18
C GLN C 171 -19.34 -10.48 -30.35
N ALA C 172 -20.62 -10.26 -30.11
CA ALA C 172 -21.54 -9.74 -31.12
C ALA C 172 -21.17 -8.29 -31.44
N MET C 173 -19.87 -8.00 -31.31
CA MET C 173 -19.33 -6.68 -31.56
C MET C 173 -18.22 -6.83 -32.59
N ASN C 174 -17.62 -8.01 -32.61
CA ASN C 174 -16.54 -8.35 -33.53
C ASN C 174 -15.71 -7.14 -33.96
#